data_4ES9
#
_entry.id   4ES9
#
_cell.length_a   71.080
_cell.length_b   117.134
_cell.length_c   73.036
_cell.angle_alpha   90.000
_cell.angle_beta   106.460
_cell.angle_gamma   90.000
#
_symmetry.space_group_name_H-M   'P 1 21 1'
#
loop_
_entity.id
_entity.type
_entity.pdbx_description
1 polymer Epf
2 water water
#
_entity_poly.entity_id   1
_entity_poly.type   'polypeptide(L)'
_entity_poly.pdbx_seq_one_letter_code
;GDHGPEFNGVMVVKAAEAEELPDDLMNFKGTWEVSADGSSGRFFSKGATDSYVFHLIPAKDVKKPGWREHNEVKDSYIKI
DKQSIAARYKTSTTAPYSVAFKVNTKSLIKDHDYKITFEQGQIASGITVDYRIGSAFNKTTDDSFKISDESKYASNVKIE
GEEQGFKQREQGDKTISFRTLKEGPMSLVLLSKVEKKPQGDLDVEFKNLKIIDVTNPSQLDKGVAYVGNKNVQLTLKSDD
GRTNFEGDEISLFNSRGELLQTVTVTKDQQNPISITLSEDQAKSLKNKEKLKVSIKQKQSKKTSKDFFFEVGIDPKVEAK
;
_entity_poly.pdbx_strand_id   A,B,C,D
#
# COMPACT_ATOMS: atom_id res chain seq x y z
N GLU A 20 -24.03 -20.80 -25.35
CA GLU A 20 -23.32 -21.01 -26.61
C GLU A 20 -21.83 -21.35 -26.41
N LEU A 21 -21.17 -21.80 -27.50
CA LEU A 21 -19.79 -22.23 -27.57
C LEU A 21 -18.80 -21.07 -27.27
N PRO A 22 -18.01 -21.22 -26.18
CA PRO A 22 -16.95 -20.23 -25.90
C PRO A 22 -15.86 -20.37 -26.96
N ASP A 23 -15.12 -19.28 -27.23
CA ASP A 23 -14.04 -19.30 -28.23
C ASP A 23 -12.83 -20.13 -27.77
N ASP A 24 -12.18 -20.83 -28.72
CA ASP A 24 -10.95 -21.59 -28.44
C ASP A 24 -9.82 -20.58 -28.38
N LEU A 25 -9.15 -20.48 -27.24
CA LEU A 25 -8.10 -19.49 -27.07
C LEU A 25 -6.69 -20.04 -27.30
N MET A 26 -6.56 -21.24 -27.88
CA MET A 26 -5.25 -21.82 -28.15
C MET A 26 -4.66 -21.19 -29.40
N ASN A 27 -3.34 -20.91 -29.40
CA ASN A 27 -2.65 -20.35 -30.56
C ASN A 27 -1.58 -21.34 -31.02
N PHE A 28 -2.04 -22.41 -31.65
CA PHE A 28 -1.21 -23.50 -32.15
C PHE A 28 -1.38 -23.61 -33.66
N LYS A 29 -0.38 -23.14 -34.42
CA LYS A 29 -0.44 -23.21 -35.89
C LYS A 29 0.45 -24.35 -36.44
N GLY A 30 1.15 -25.07 -35.56
CA GLY A 30 1.98 -26.22 -35.94
C GLY A 30 3.24 -25.87 -36.69
N THR A 31 4.08 -25.00 -36.10
CA THR A 31 5.32 -24.60 -36.76
C THR A 31 6.42 -24.30 -35.73
N TRP A 32 7.67 -24.59 -36.11
CA TRP A 32 8.86 -24.29 -35.35
C TRP A 32 9.41 -22.89 -35.68
N GLU A 33 8.95 -22.29 -36.81
CA GLU A 33 9.38 -20.95 -37.25
C GLU A 33 9.07 -19.95 -36.15
N VAL A 34 10.13 -19.55 -35.44
CA VAL A 34 10.16 -18.75 -34.21
C VAL A 34 9.26 -17.46 -34.30
N SER A 35 9.34 -16.69 -35.41
CA SER A 35 8.58 -15.45 -35.57
C SER A 35 7.14 -15.67 -36.11
N ALA A 36 6.82 -16.85 -36.66
CA ALA A 36 5.48 -17.11 -37.21
C ALA A 36 4.40 -17.08 -36.11
N ASP A 37 3.16 -16.65 -36.46
CA ASP A 37 2.04 -16.65 -35.53
C ASP A 37 1.72 -18.08 -35.11
N GLY A 38 1.50 -18.27 -33.82
CA GLY A 38 1.15 -19.57 -33.27
C GLY A 38 2.25 -20.62 -33.32
N SER A 39 3.51 -20.18 -33.39
CA SER A 39 4.65 -21.08 -33.34
C SER A 39 4.78 -21.59 -31.90
N SER A 40 5.37 -22.77 -31.72
CA SER A 40 5.52 -23.36 -30.39
C SER A 40 6.98 -23.35 -29.92
N GLY A 41 7.14 -23.19 -28.61
CA GLY A 41 8.43 -23.22 -27.92
C GLY A 41 8.98 -24.63 -27.85
N ARG A 42 10.28 -24.74 -27.97
CA ARG A 42 11.02 -26.02 -27.94
C ARG A 42 12.27 -25.81 -27.04
N PHE A 43 12.36 -26.63 -25.97
CA PHE A 43 13.36 -26.51 -24.92
C PHE A 43 13.89 -27.86 -24.44
N PHE A 44 15.04 -27.83 -23.77
CA PHE A 44 15.64 -29.01 -23.20
C PHE A 44 16.27 -28.65 -21.83
N SER A 45 16.35 -29.65 -20.94
CA SER A 45 16.96 -29.53 -19.61
C SER A 45 18.00 -30.62 -19.46
N LYS A 46 19.29 -30.24 -19.51
CA LYS A 46 20.40 -31.16 -19.29
C LYS A 46 20.31 -31.59 -17.85
N GLY A 47 20.26 -32.90 -17.61
CA GLY A 47 20.15 -33.44 -16.25
C GLY A 47 18.76 -33.39 -15.67
N ALA A 48 17.73 -32.99 -16.49
CA ALA A 48 16.32 -32.88 -16.11
C ALA A 48 16.16 -32.09 -14.77
N THR A 49 16.49 -30.81 -14.82
CA THR A 49 16.40 -29.89 -13.67
C THR A 49 15.14 -29.03 -13.83
N ASP A 50 15.00 -28.02 -12.98
CA ASP A 50 13.88 -27.05 -13.04
C ASP A 50 14.05 -26.13 -14.24
N SER A 51 15.31 -25.90 -14.70
CA SER A 51 15.66 -24.96 -15.75
C SER A 51 15.76 -25.57 -17.16
N TYR A 52 15.16 -24.85 -18.12
CA TYR A 52 15.09 -25.22 -19.53
C TYR A 52 15.62 -24.12 -20.42
N VAL A 53 16.41 -24.49 -21.44
CA VAL A 53 16.95 -23.55 -22.43
C VAL A 53 16.42 -23.98 -23.79
N PHE A 54 16.47 -23.08 -24.80
CA PHE A 54 15.93 -23.32 -26.14
C PHE A 54 16.62 -24.48 -26.88
N HIS A 55 15.78 -25.31 -27.58
CA HIS A 55 16.16 -26.48 -28.36
C HIS A 55 16.40 -26.09 -29.82
N LEU A 56 17.65 -25.77 -30.16
CA LEU A 56 17.98 -25.38 -31.55
C LEU A 56 17.93 -26.58 -32.50
N ILE A 57 17.52 -26.33 -33.76
CA ILE A 57 17.42 -27.32 -34.85
C ILE A 57 18.11 -26.69 -36.11
N PRO A 58 18.58 -27.47 -37.13
CA PRO A 58 19.31 -26.82 -38.26
C PRO A 58 18.49 -25.71 -38.92
N ALA A 59 19.10 -24.50 -39.03
CA ALA A 59 18.46 -23.28 -39.57
C ALA A 59 17.77 -23.51 -40.92
N LYS A 60 18.41 -24.29 -41.81
CA LYS A 60 17.88 -24.56 -43.15
C LYS A 60 16.63 -25.47 -43.13
N ASP A 61 16.39 -26.21 -42.03
CA ASP A 61 15.29 -27.18 -41.93
C ASP A 61 14.12 -26.77 -41.01
N VAL A 62 14.12 -25.55 -40.44
CA VAL A 62 13.13 -25.09 -39.46
C VAL A 62 11.66 -25.30 -39.93
N LYS A 63 11.34 -25.14 -41.23
CA LYS A 63 9.96 -25.32 -41.72
C LYS A 63 9.72 -26.73 -42.30
N LYS A 64 10.76 -27.56 -42.37
CA LYS A 64 10.65 -28.92 -42.91
C LYS A 64 9.81 -29.86 -42.06
N PRO A 65 8.84 -30.58 -42.68
CA PRO A 65 8.05 -31.57 -41.91
C PRO A 65 8.91 -32.77 -41.52
N GLY A 66 8.48 -33.51 -40.50
CA GLY A 66 9.20 -34.66 -39.97
C GLY A 66 10.03 -34.37 -38.74
N TRP A 67 10.85 -35.35 -38.34
CA TRP A 67 11.70 -35.30 -37.16
C TRP A 67 12.92 -34.40 -37.40
N ARG A 68 13.07 -33.36 -36.57
CA ARG A 68 14.13 -32.34 -36.62
C ARG A 68 15.10 -32.54 -35.46
N GLU A 69 16.37 -32.79 -35.78
CA GLU A 69 17.40 -33.08 -34.79
C GLU A 69 17.76 -31.88 -33.94
N HIS A 70 18.21 -32.15 -32.70
CA HIS A 70 18.83 -31.16 -31.83
C HIS A 70 20.13 -30.80 -32.53
N ASN A 71 20.24 -29.56 -33.03
CA ASN A 71 21.38 -29.14 -33.85
C ASN A 71 22.73 -29.64 -33.36
N GLU A 72 23.43 -30.35 -34.25
CA GLU A 72 24.75 -30.97 -34.11
C GLU A 72 24.81 -32.15 -33.11
N VAL A 73 24.21 -32.01 -31.89
CA VAL A 73 24.26 -33.05 -30.85
C VAL A 73 23.36 -34.27 -31.21
N LYS A 74 22.14 -34.07 -31.79
CA LYS A 74 21.22 -35.14 -32.26
C LYS A 74 20.84 -36.15 -31.13
N ASP A 75 20.73 -35.66 -29.88
CA ASP A 75 20.32 -36.53 -28.77
C ASP A 75 18.78 -36.65 -28.76
N SER A 76 18.09 -35.56 -29.10
CA SER A 76 16.65 -35.53 -29.24
C SER A 76 16.25 -35.01 -30.61
N TYR A 77 15.11 -35.51 -31.13
CA TYR A 77 14.49 -35.05 -32.36
C TYR A 77 13.09 -34.56 -31.99
N ILE A 78 12.56 -33.58 -32.72
CA ILE A 78 11.24 -33.03 -32.42
C ILE A 78 10.40 -32.98 -33.70
N LYS A 79 9.07 -33.09 -33.58
CA LYS A 79 8.18 -33.11 -34.77
C LYS A 79 6.89 -32.36 -34.46
N ILE A 80 6.48 -31.47 -35.38
CA ILE A 80 5.27 -30.68 -35.26
C ILE A 80 4.48 -30.75 -36.58
N ASP A 81 3.15 -30.67 -36.47
CA ASP A 81 2.25 -30.56 -37.61
C ASP A 81 1.02 -29.82 -37.10
N LYS A 82 -0.02 -29.70 -37.94
CA LYS A 82 -1.25 -28.94 -37.63
C LYS A 82 -2.01 -29.47 -36.40
N GLN A 83 -1.87 -30.76 -36.09
CA GLN A 83 -2.64 -31.39 -35.02
C GLN A 83 -1.81 -31.85 -33.81
N SER A 84 -0.48 -32.08 -33.99
CA SER A 84 0.34 -32.68 -32.96
C SER A 84 1.74 -32.08 -32.78
N ILE A 85 2.35 -32.41 -31.62
CA ILE A 85 3.70 -32.03 -31.22
C ILE A 85 4.32 -33.28 -30.56
N ALA A 86 5.56 -33.62 -30.94
CA ALA A 86 6.15 -34.86 -30.47
C ALA A 86 7.65 -34.76 -30.25
N ALA A 87 8.17 -35.55 -29.30
CA ALA A 87 9.60 -35.63 -29.00
C ALA A 87 10.10 -37.05 -29.19
N ARG A 88 11.37 -37.19 -29.58
CA ARG A 88 12.04 -38.48 -29.77
C ARG A 88 13.39 -38.43 -29.03
N TYR A 89 13.62 -39.43 -28.17
CA TYR A 89 14.87 -39.57 -27.43
C TYR A 89 15.71 -40.68 -28.11
N LYS A 90 16.93 -40.34 -28.52
CA LYS A 90 17.87 -41.24 -29.20
C LYS A 90 18.79 -41.90 -28.24
N THR A 91 19.47 -42.99 -28.67
CA THR A 91 20.45 -43.72 -27.85
C THR A 91 21.65 -42.82 -27.41
N SER A 92 21.94 -41.77 -28.16
CA SER A 92 23.03 -40.84 -27.88
C SER A 92 22.73 -39.88 -26.68
N THR A 93 21.48 -39.84 -26.19
CA THR A 93 21.07 -39.03 -25.03
C THR A 93 21.86 -39.39 -23.78
N THR A 94 22.31 -38.36 -23.02
CA THR A 94 22.93 -38.51 -21.70
C THR A 94 21.80 -38.32 -20.68
N ALA A 95 21.44 -39.39 -20.00
CA ALA A 95 20.35 -39.38 -19.04
C ALA A 95 20.80 -38.89 -17.64
N PRO A 96 19.95 -38.21 -16.82
CA PRO A 96 18.57 -37.78 -17.07
C PRO A 96 18.53 -36.63 -18.06
N TYR A 97 17.51 -36.60 -18.92
CA TYR A 97 17.40 -35.55 -19.94
C TYR A 97 15.93 -35.29 -20.22
N SER A 98 15.55 -34.02 -20.43
CA SER A 98 14.16 -33.62 -20.67
C SER A 98 14.02 -32.67 -21.84
N VAL A 99 12.98 -32.92 -22.65
CA VAL A 99 12.54 -32.04 -23.73
C VAL A 99 11.16 -31.48 -23.30
N ALA A 100 10.94 -30.20 -23.50
CA ALA A 100 9.65 -29.60 -23.18
C ALA A 100 9.19 -28.71 -24.31
N PHE A 101 7.85 -28.66 -24.49
CA PHE A 101 7.23 -27.78 -25.49
C PHE A 101 6.34 -26.75 -24.80
N LYS A 102 6.18 -25.59 -25.43
CA LYS A 102 5.27 -24.53 -25.00
C LYS A 102 4.25 -24.29 -26.12
N VAL A 103 2.98 -24.53 -25.80
CA VAL A 103 1.88 -24.29 -26.73
C VAL A 103 1.21 -23.03 -26.21
N ASN A 104 1.33 -21.92 -26.95
CA ASN A 104 0.83 -20.62 -26.50
C ASN A 104 -0.67 -20.49 -26.59
N THR A 105 -1.20 -19.66 -25.71
CA THR A 105 -2.61 -19.26 -25.71
C THR A 105 -2.68 -17.84 -26.27
N LYS A 106 -3.90 -17.38 -26.54
CA LYS A 106 -4.19 -15.99 -26.86
C LYS A 106 -4.24 -15.25 -25.51
N SER A 107 -4.43 -13.94 -25.54
CA SER A 107 -4.43 -13.15 -24.32
C SER A 107 -5.56 -13.59 -23.35
N LEU A 108 -5.19 -13.98 -22.11
CA LEU A 108 -6.19 -14.40 -21.11
C LEU A 108 -6.52 -13.23 -20.15
N ILE A 109 -7.65 -13.34 -19.44
CA ILE A 109 -8.09 -12.31 -18.47
C ILE A 109 -7.65 -12.74 -17.08
N LYS A 110 -7.15 -11.77 -16.27
CA LYS A 110 -6.69 -12.02 -14.91
C LYS A 110 -7.87 -12.48 -14.02
N ASP A 111 -7.63 -13.52 -13.21
CA ASP A 111 -8.57 -14.08 -12.21
C ASP A 111 -9.78 -14.78 -12.88
N HIS A 112 -9.63 -15.21 -14.15
CA HIS A 112 -10.63 -16.01 -14.87
C HIS A 112 -10.25 -17.50 -14.77
N ASP A 113 -11.24 -18.40 -14.91
CA ASP A 113 -11.02 -19.84 -14.85
C ASP A 113 -11.03 -20.40 -16.26
N TYR A 114 -10.03 -21.27 -16.56
CA TYR A 114 -9.88 -21.86 -17.90
C TYR A 114 -9.85 -23.39 -17.84
N LYS A 115 -10.18 -24.01 -18.99
CA LYS A 115 -10.19 -25.45 -19.14
C LYS A 115 -9.42 -25.84 -20.41
N ILE A 116 -8.26 -26.48 -20.22
CA ILE A 116 -7.42 -27.02 -21.28
C ILE A 116 -7.82 -28.46 -21.52
N THR A 117 -7.99 -28.84 -22.80
CA THR A 117 -8.25 -30.23 -23.20
C THR A 117 -7.24 -30.57 -24.28
N PHE A 118 -6.79 -31.81 -24.28
CA PHE A 118 -5.86 -32.36 -25.27
C PHE A 118 -5.82 -33.85 -25.15
N GLU A 119 -5.22 -34.50 -26.15
CA GLU A 119 -5.07 -35.93 -26.10
C GLU A 119 -3.63 -36.29 -25.84
N GLN A 120 -3.43 -37.14 -24.84
CA GLN A 120 -2.11 -37.71 -24.58
C GLN A 120 -1.96 -38.89 -25.53
N GLY A 121 -1.08 -38.75 -26.51
CA GLY A 121 -0.77 -39.80 -27.48
C GLY A 121 0.25 -40.77 -26.91
N GLN A 122 0.93 -41.51 -27.78
CA GLN A 122 1.92 -42.53 -27.40
C GLN A 122 2.96 -42.01 -26.42
N ILE A 123 3.26 -42.84 -25.42
CA ILE A 123 4.31 -42.61 -24.45
C ILE A 123 5.19 -43.86 -24.49
N ALA A 124 6.42 -43.72 -25.02
CA ALA A 124 7.35 -44.85 -25.08
C ALA A 124 7.70 -45.34 -23.68
N SER A 125 8.03 -46.63 -23.56
CA SER A 125 8.50 -47.20 -22.31
C SER A 125 9.81 -46.48 -21.96
N GLY A 126 9.91 -45.99 -20.73
CA GLY A 126 11.07 -45.22 -20.29
C GLY A 126 10.84 -43.72 -20.26
N ILE A 127 9.78 -43.23 -20.96
CA ILE A 127 9.46 -41.80 -20.94
C ILE A 127 8.41 -41.52 -19.84
N THR A 128 8.60 -40.47 -19.04
CA THR A 128 7.58 -40.03 -18.07
C THR A 128 7.19 -38.60 -18.48
N VAL A 129 5.96 -38.17 -18.15
CA VAL A 129 5.35 -36.93 -18.64
C VAL A 129 4.76 -36.06 -17.53
N ASP A 130 4.87 -34.74 -17.71
CA ASP A 130 4.31 -33.74 -16.81
C ASP A 130 3.61 -32.67 -17.64
N TYR A 131 2.57 -32.05 -17.07
CA TYR A 131 1.80 -30.96 -17.67
C TYR A 131 1.80 -29.79 -16.72
N ARG A 132 2.21 -28.61 -17.23
CA ARG A 132 2.28 -27.39 -16.44
C ARG A 132 1.74 -26.18 -17.18
N ILE A 133 1.46 -25.11 -16.45
CA ILE A 133 1.11 -23.81 -17.01
C ILE A 133 2.37 -22.98 -16.94
N GLY A 134 2.64 -22.14 -17.92
CA GLY A 134 3.82 -21.28 -17.88
C GLY A 134 3.61 -19.97 -18.61
N SER A 135 4.67 -19.16 -18.69
CA SER A 135 4.64 -17.92 -19.45
C SER A 135 4.57 -18.28 -20.92
N ALA A 136 4.10 -17.37 -21.78
CA ALA A 136 4.07 -17.66 -23.21
C ALA A 136 5.51 -17.83 -23.73
N PHE A 137 5.69 -18.67 -24.76
CA PHE A 137 6.95 -18.75 -25.48
C PHE A 137 7.16 -17.36 -26.10
N ASN A 138 8.28 -16.69 -25.81
CA ASN A 138 8.49 -15.28 -26.22
C ASN A 138 8.92 -15.09 -27.70
N LYS A 139 8.90 -16.16 -28.51
CA LYS A 139 9.18 -16.12 -29.96
C LYS A 139 10.64 -15.70 -30.29
N THR A 140 11.60 -16.16 -29.48
CA THR A 140 13.03 -15.92 -29.73
C THR A 140 13.77 -17.26 -29.53
N THR A 141 14.99 -17.38 -30.11
CA THR A 141 15.82 -18.58 -29.91
C THR A 141 16.57 -18.46 -28.57
N ASP A 142 16.37 -17.35 -27.85
CA ASP A 142 16.98 -17.06 -26.53
C ASP A 142 16.06 -17.38 -25.38
N ASP A 143 14.79 -17.78 -25.67
CA ASP A 143 13.81 -18.07 -24.63
C ASP A 143 14.28 -19.16 -23.69
N SER A 144 13.85 -19.05 -22.43
CA SER A 144 14.16 -20.00 -21.37
C SER A 144 13.02 -19.96 -20.36
N PHE A 145 12.92 -20.98 -19.48
CA PHE A 145 11.88 -21.00 -18.46
C PHE A 145 12.27 -21.97 -17.36
N LYS A 146 11.61 -21.84 -16.23
CA LYS A 146 11.71 -22.72 -15.08
C LYS A 146 10.36 -23.37 -14.87
N ILE A 147 10.30 -24.68 -14.52
CA ILE A 147 9.00 -25.34 -14.25
C ILE A 147 8.28 -24.58 -13.12
N SER A 148 9.03 -24.20 -12.07
CA SER A 148 8.55 -23.51 -10.87
C SER A 148 7.99 -22.11 -11.17
N ASP A 149 8.12 -21.59 -12.43
CA ASP A 149 7.51 -20.31 -12.82
C ASP A 149 5.98 -20.42 -12.83
N GLU A 150 5.43 -21.68 -12.81
CA GLU A 150 3.99 -21.96 -12.86
C GLU A 150 3.22 -21.13 -11.83
N SER A 151 3.72 -21.06 -10.59
CA SER A 151 3.10 -20.36 -9.45
C SER A 151 2.96 -18.83 -9.68
N LYS A 152 3.73 -18.25 -10.62
CA LYS A 152 3.59 -16.83 -10.96
C LYS A 152 2.38 -16.58 -11.87
N TYR A 153 1.99 -17.59 -12.67
CA TYR A 153 0.97 -17.44 -13.69
C TYR A 153 -0.37 -18.07 -13.35
N ALA A 154 -0.39 -19.19 -12.65
CA ALA A 154 -1.64 -19.89 -12.38
C ALA A 154 -1.76 -20.40 -10.96
N SER A 155 -3.00 -20.50 -10.48
CA SER A 155 -3.33 -21.03 -9.17
C SER A 155 -4.37 -22.14 -9.35
N ASN A 156 -4.48 -23.04 -8.33
CA ASN A 156 -5.43 -24.16 -8.29
CA ASN A 156 -5.40 -24.19 -8.27
C ASN A 156 -5.40 -24.98 -9.61
N VAL A 157 -4.18 -25.31 -10.08
CA VAL A 157 -3.96 -26.09 -11.30
C VAL A 157 -4.36 -27.53 -10.98
N LYS A 158 -5.22 -28.12 -11.79
CA LYS A 158 -5.68 -29.47 -11.56
C LYS A 158 -5.87 -30.24 -12.85
N ILE A 159 -5.17 -31.38 -12.97
CA ILE A 159 -5.35 -32.36 -14.04
C ILE A 159 -6.47 -33.20 -13.55
N GLU A 160 -7.53 -33.32 -14.32
CA GLU A 160 -8.67 -34.11 -13.89
C GLU A 160 -8.26 -35.58 -13.65
N GLY A 161 -8.45 -36.03 -12.40
CA GLY A 161 -8.16 -37.37 -11.93
C GLY A 161 -6.69 -37.76 -11.84
N GLU A 162 -5.75 -36.79 -11.90
CA GLU A 162 -4.30 -37.06 -11.89
C GLU A 162 -3.54 -36.00 -11.08
N GLU A 163 -2.30 -36.31 -10.68
CA GLU A 163 -1.41 -35.36 -10.01
C GLU A 163 -0.35 -34.87 -11.00
N GLN A 164 0.23 -33.68 -10.75
CA GLN A 164 1.31 -33.10 -11.55
C GLN A 164 2.65 -33.75 -11.14
N GLY A 165 3.69 -33.50 -11.92
CA GLY A 165 4.99 -34.13 -11.72
C GLY A 165 5.19 -35.21 -12.77
N PHE A 166 6.45 -35.60 -13.06
CA PHE A 166 6.78 -36.60 -14.09
C PHE A 166 6.26 -38.00 -13.72
N LYS A 167 5.33 -38.53 -14.52
CA LYS A 167 4.67 -39.83 -14.26
C LYS A 167 4.43 -40.60 -15.58
N GLN A 168 4.28 -41.95 -15.59
CA GLN A 168 3.92 -42.77 -16.77
C GLN A 168 2.39 -42.79 -16.82
N ARG A 169 1.85 -41.81 -17.47
CA ARG A 169 0.43 -41.52 -17.52
C ARG A 169 -0.30 -42.44 -18.46
N GLU A 170 -1.61 -42.59 -18.26
CA GLU A 170 -2.43 -43.34 -19.19
C GLU A 170 -2.59 -42.48 -20.44
N GLN A 171 -2.72 -43.11 -21.61
CA GLN A 171 -2.89 -42.33 -22.84
C GLN A 171 -4.39 -42.07 -23.00
N GLY A 172 -4.74 -40.96 -23.64
CA GLY A 172 -6.14 -40.58 -23.84
C GLY A 172 -6.39 -39.12 -23.57
N ASP A 173 -7.69 -38.76 -23.45
CA ASP A 173 -8.17 -37.39 -23.21
C ASP A 173 -7.70 -36.87 -21.88
N LYS A 174 -7.18 -35.66 -21.85
CA LYS A 174 -6.74 -35.00 -20.61
C LYS A 174 -7.50 -33.68 -20.44
N THR A 175 -7.81 -33.31 -19.18
CA THR A 175 -8.46 -32.05 -18.85
C THR A 175 -7.64 -31.34 -17.78
N ILE A 176 -7.28 -30.07 -17.99
CA ILE A 176 -6.53 -29.29 -16.99
C ILE A 176 -7.29 -27.98 -16.75
N SER A 177 -7.68 -27.73 -15.50
CA SER A 177 -8.36 -26.51 -15.10
C SER A 177 -7.40 -25.67 -14.22
N PHE A 178 -7.52 -24.34 -14.27
CA PHE A 178 -6.65 -23.42 -13.53
C PHE A 178 -7.24 -22.02 -13.52
N ARG A 179 -6.73 -21.19 -12.61
CA ARG A 179 -7.12 -19.78 -12.49
C ARG A 179 -5.91 -18.91 -12.76
N THR A 180 -6.04 -17.90 -13.62
CA THR A 180 -4.94 -17.00 -13.99
C THR A 180 -4.62 -16.00 -12.87
N LEU A 181 -3.33 -15.70 -12.68
CA LEU A 181 -2.87 -14.72 -11.70
C LEU A 181 -2.47 -13.42 -12.38
N LYS A 182 -2.45 -13.47 -13.72
CA LYS A 182 -2.09 -12.37 -14.60
C LYS A 182 -3.00 -12.34 -15.83
N GLU A 183 -2.91 -11.24 -16.56
CA GLU A 183 -3.57 -11.03 -17.82
C GLU A 183 -2.51 -11.25 -18.92
N GLY A 184 -2.97 -11.59 -20.12
CA GLY A 184 -2.09 -11.80 -21.26
C GLY A 184 -1.89 -13.24 -21.65
N PRO A 185 -1.13 -13.49 -22.75
CA PRO A 185 -0.89 -14.88 -23.19
C PRO A 185 -0.06 -15.70 -22.19
N MET A 186 -0.32 -16.99 -22.17
CA MET A 186 0.37 -17.97 -21.34
C MET A 186 0.68 -19.19 -22.20
N SER A 187 1.15 -20.27 -21.61
CA SER A 187 1.38 -21.46 -22.41
C SER A 187 1.00 -22.70 -21.65
N LEU A 188 0.66 -23.74 -22.42
CA LEU A 188 0.53 -25.08 -21.92
C LEU A 188 1.95 -25.66 -22.10
N VAL A 189 2.53 -26.16 -21.00
CA VAL A 189 3.88 -26.73 -21.01
C VAL A 189 3.75 -28.25 -21.03
N LEU A 190 4.25 -28.87 -22.12
CA LEU A 190 4.20 -30.31 -22.32
C LEU A 190 5.61 -30.88 -22.11
N LEU A 191 5.83 -31.47 -20.93
CA LEU A 191 7.15 -31.96 -20.52
C LEU A 191 7.25 -33.45 -20.52
N SER A 192 8.41 -33.95 -20.93
CA SER A 192 8.71 -35.38 -20.91
C SER A 192 10.17 -35.57 -20.58
N LYS A 193 10.57 -36.77 -20.16
CA LYS A 193 11.97 -37.02 -19.85
C LYS A 193 12.30 -38.49 -19.87
N VAL A 194 13.62 -38.79 -19.92
CA VAL A 194 14.18 -40.15 -19.80
C VAL A 194 15.14 -40.14 -18.60
N GLU A 195 15.13 -41.20 -17.78
CA GLU A 195 15.95 -41.34 -16.56
C GLU A 195 17.14 -42.29 -16.75
N LYS A 196 17.19 -42.97 -17.88
CA LYS A 196 18.26 -43.88 -18.22
C LYS A 196 18.47 -43.78 -19.71
N LYS A 197 19.68 -44.14 -20.14
CA LYS A 197 20.06 -44.03 -21.54
C LYS A 197 19.13 -44.87 -22.43
N PRO A 198 18.50 -44.26 -23.48
CA PRO A 198 17.62 -45.06 -24.35
C PRO A 198 18.39 -46.15 -25.13
N GLN A 199 17.74 -47.29 -25.34
CA GLN A 199 18.30 -48.43 -26.08
C GLN A 199 17.80 -48.42 -27.55
N GLY A 200 16.90 -47.49 -27.83
CA GLY A 200 16.30 -47.25 -29.14
C GLY A 200 15.58 -45.92 -29.13
N ASP A 201 14.95 -45.55 -30.27
CA ASP A 201 14.19 -44.32 -30.42
C ASP A 201 12.98 -44.33 -29.51
N LEU A 202 12.86 -43.37 -28.60
CA LEU A 202 11.70 -43.34 -27.70
C LEU A 202 10.83 -42.11 -28.02
N ASP A 203 9.61 -42.34 -28.52
CA ASP A 203 8.70 -41.27 -28.95
C ASP A 203 7.53 -40.98 -27.97
N VAL A 204 7.23 -39.70 -27.84
CA VAL A 204 6.10 -39.20 -27.03
C VAL A 204 5.35 -38.15 -27.88
N GLU A 205 4.03 -38.24 -27.93
CA GLU A 205 3.20 -37.35 -28.76
C GLU A 205 2.03 -36.76 -27.97
N PHE A 206 1.69 -35.51 -28.30
CA PHE A 206 0.57 -34.74 -27.71
C PHE A 206 -0.23 -34.18 -28.84
N LYS A 207 -1.58 -34.21 -28.74
CA LYS A 207 -2.37 -33.72 -29.87
C LYS A 207 -3.72 -33.06 -29.51
N ASN A 208 -4.36 -32.43 -30.51
CA ASN A 208 -5.71 -31.83 -30.42
C ASN A 208 -5.84 -30.92 -29.17
N LEU A 209 -5.01 -29.87 -29.14
CA LEU A 209 -4.86 -28.93 -28.05
C LEU A 209 -5.89 -27.79 -28.13
N LYS A 210 -6.64 -27.58 -27.05
CA LYS A 210 -7.71 -26.57 -26.93
C LYS A 210 -7.73 -25.96 -25.53
N ILE A 211 -8.21 -24.69 -25.43
CA ILE A 211 -8.40 -24.00 -24.15
C ILE A 211 -9.63 -23.07 -24.27
N ILE A 212 -10.52 -23.13 -23.27
CA ILE A 212 -11.71 -22.28 -23.21
C ILE A 212 -11.84 -21.63 -21.84
N ASP A 213 -12.55 -20.47 -21.81
CA ASP A 213 -12.86 -19.79 -20.55
C ASP A 213 -14.09 -20.49 -19.94
N VAL A 214 -14.02 -20.87 -18.64
CA VAL A 214 -15.12 -21.56 -17.92
C VAL A 214 -15.54 -20.76 -16.67
N THR A 215 -15.18 -19.46 -16.61
CA THR A 215 -15.49 -18.58 -15.47
C THR A 215 -16.99 -18.52 -15.21
N ASN A 216 -17.37 -18.76 -13.95
CA ASN A 216 -18.74 -18.64 -13.49
C ASN A 216 -19.08 -17.16 -13.32
N PRO A 217 -20.29 -16.70 -13.76
CA PRO A 217 -20.65 -15.28 -13.55
C PRO A 217 -20.79 -14.96 -12.06
N SER A 218 -20.65 -13.67 -11.71
CA SER A 218 -20.82 -13.20 -10.33
C SER A 218 -22.30 -13.33 -9.90
N GLN A 219 -22.54 -13.10 -8.62
CA GLN A 219 -23.87 -13.10 -8.02
C GLN A 219 -24.17 -11.73 -7.46
N LEU A 220 -25.45 -11.36 -7.40
CA LEU A 220 -25.83 -10.09 -6.80
C LEU A 220 -25.89 -10.26 -5.29
N ASP A 221 -25.03 -9.53 -4.56
CA ASP A 221 -25.04 -9.56 -3.10
C ASP A 221 -26.17 -8.67 -2.60
N LYS A 222 -26.24 -7.43 -3.13
CA LYS A 222 -27.27 -6.46 -2.78
C LYS A 222 -27.38 -5.41 -3.89
N GLY A 223 -28.55 -4.82 -3.98
CA GLY A 223 -28.85 -3.78 -4.95
C GLY A 223 -29.49 -2.60 -4.25
N VAL A 224 -29.15 -1.38 -4.66
CA VAL A 224 -29.70 -0.16 -4.06
C VAL A 224 -30.25 0.71 -5.16
N ALA A 225 -31.52 1.09 -5.04
CA ALA A 225 -32.22 1.97 -5.96
C ALA A 225 -33.25 2.81 -5.20
N TYR A 226 -33.44 4.08 -5.61
CA TYR A 226 -34.41 4.99 -4.99
C TYR A 226 -35.26 5.67 -6.04
N VAL A 227 -36.55 5.89 -5.74
CA VAL A 227 -37.52 6.56 -6.60
C VAL A 227 -36.97 7.95 -7.00
N GLY A 228 -36.92 8.22 -8.31
CA GLY A 228 -36.40 9.49 -8.83
C GLY A 228 -34.89 9.64 -8.87
N ASN A 229 -34.13 8.59 -8.45
CA ASN A 229 -32.66 8.61 -8.47
C ASN A 229 -32.15 7.75 -9.64
N LYS A 230 -31.39 8.37 -10.57
CA LYS A 230 -30.86 7.73 -11.76
C LYS A 230 -29.73 6.73 -11.45
N ASN A 231 -29.13 6.83 -10.25
CA ASN A 231 -28.02 5.97 -9.87
C ASN A 231 -28.46 4.72 -9.13
N VAL A 232 -28.20 3.56 -9.75
CA VAL A 232 -28.48 2.23 -9.22
C VAL A 232 -27.12 1.61 -8.86
N GLN A 233 -26.96 1.22 -7.58
CA GLN A 233 -25.71 0.67 -7.09
C GLN A 233 -25.86 -0.83 -6.86
N LEU A 234 -25.04 -1.65 -7.55
CA LEU A 234 -25.09 -3.09 -7.40
C LEU A 234 -23.80 -3.62 -6.83
N THR A 235 -23.93 -4.46 -5.79
CA THR A 235 -22.81 -5.11 -5.13
C THR A 235 -22.75 -6.55 -5.62
N LEU A 236 -21.60 -6.92 -6.20
CA LEU A 236 -21.37 -8.26 -6.74
C LEU A 236 -20.58 -9.12 -5.75
N LYS A 237 -20.84 -10.42 -5.78
CA LYS A 237 -20.11 -11.39 -4.97
C LYS A 237 -19.81 -12.63 -5.82
N SER A 238 -19.01 -13.52 -5.23
CA SER A 238 -18.64 -14.77 -5.86
C SER A 238 -18.61 -15.90 -4.83
N ASP A 239 -19.00 -17.10 -5.26
CA ASP A 239 -19.01 -18.32 -4.43
C ASP A 239 -17.70 -19.11 -4.54
N ASP A 240 -16.86 -18.79 -5.57
CA ASP A 240 -15.62 -19.54 -5.82
C ASP A 240 -14.33 -18.70 -5.61
N GLY A 241 -14.42 -17.58 -4.88
CA GLY A 241 -13.27 -16.73 -4.58
C GLY A 241 -12.82 -15.74 -5.64
N ARG A 242 -13.53 -15.66 -6.78
CA ARG A 242 -13.21 -14.73 -7.87
C ARG A 242 -13.42 -13.28 -7.37
N THR A 243 -12.47 -12.37 -7.69
CA THR A 243 -12.54 -10.96 -7.28
C THR A 243 -12.60 -10.03 -8.50
N ASN A 244 -12.07 -10.45 -9.66
CA ASN A 244 -12.11 -9.64 -10.88
C ASN A 244 -13.35 -10.04 -11.67
N PHE A 245 -14.39 -9.18 -11.62
CA PHE A 245 -15.66 -9.42 -12.27
C PHE A 245 -15.68 -8.92 -13.72
N GLU A 246 -14.49 -8.55 -14.27
CA GLU A 246 -14.28 -8.14 -15.65
C GLU A 246 -14.96 -9.11 -16.62
N GLY A 247 -15.71 -8.55 -17.56
CA GLY A 247 -16.43 -9.29 -18.59
C GLY A 247 -17.84 -9.71 -18.21
N ASP A 248 -18.25 -9.51 -16.96
CA ASP A 248 -19.61 -9.81 -16.51
C ASP A 248 -20.60 -8.75 -17.00
N GLU A 249 -21.53 -9.19 -17.85
CA GLU A 249 -22.60 -8.40 -18.46
C GLU A 249 -23.80 -8.37 -17.52
N ILE A 250 -24.07 -7.23 -16.90
CA ILE A 250 -25.17 -7.09 -15.94
C ILE A 250 -26.37 -6.46 -16.62
N SER A 251 -27.52 -7.16 -16.61
CA SER A 251 -28.76 -6.64 -17.16
C SER A 251 -29.74 -6.35 -16.00
N LEU A 252 -30.31 -5.14 -16.00
CA LEU A 252 -31.26 -4.68 -14.99
C LEU A 252 -32.64 -4.54 -15.60
N PHE A 253 -33.64 -5.22 -15.01
CA PHE A 253 -35.03 -5.20 -15.48
C PHE A 253 -35.99 -4.67 -14.40
N ASN A 254 -37.12 -4.07 -14.84
CA ASN A 254 -38.17 -3.62 -13.92
C ASN A 254 -39.07 -4.86 -13.59
N SER A 255 -40.04 -4.70 -12.66
CA SER A 255 -40.95 -5.78 -12.21
C SER A 255 -41.83 -6.35 -13.35
N ARG A 256 -41.99 -5.63 -14.48
CA ARG A 256 -42.78 -6.12 -15.62
C ARG A 256 -41.91 -6.88 -16.66
N GLY A 257 -40.64 -7.11 -16.33
CA GLY A 257 -39.69 -7.84 -17.18
C GLY A 257 -39.07 -7.04 -18.31
N GLU A 258 -39.20 -5.71 -18.26
CA GLU A 258 -38.65 -4.82 -19.28
C GLU A 258 -37.21 -4.48 -18.93
N LEU A 259 -36.30 -4.56 -19.93
CA LEU A 259 -34.88 -4.24 -19.73
C LEU A 259 -34.68 -2.74 -19.58
N LEU A 260 -34.13 -2.33 -18.43
CA LEU A 260 -33.83 -0.93 -18.17
C LEU A 260 -32.47 -0.58 -18.75
N GLN A 261 -31.40 -1.28 -18.32
CA GLN A 261 -30.01 -1.05 -18.76
C GLN A 261 -29.13 -2.30 -18.68
N THR A 262 -28.05 -2.34 -19.50
CA THR A 262 -27.02 -3.39 -19.48
C THR A 262 -25.65 -2.68 -19.36
N VAL A 263 -24.79 -3.16 -18.44
CA VAL A 263 -23.42 -2.66 -18.27
C VAL A 263 -22.45 -3.86 -18.29
N THR A 264 -21.21 -3.65 -18.76
CA THR A 264 -20.16 -4.69 -18.74
C THR A 264 -19.09 -4.23 -17.76
N VAL A 265 -18.77 -5.08 -16.77
CA VAL A 265 -17.77 -4.81 -15.73
C VAL A 265 -16.36 -4.73 -16.36
N THR A 266 -15.58 -3.73 -15.94
CA THR A 266 -14.22 -3.52 -16.43
C THR A 266 -13.20 -4.17 -15.47
N LYS A 267 -11.91 -4.16 -15.85
CA LYS A 267 -10.81 -4.78 -15.11
C LYS A 267 -10.72 -4.27 -13.66
N ASP A 268 -10.86 -5.23 -12.70
CA ASP A 268 -10.82 -5.04 -11.24
C ASP A 268 -11.73 -3.89 -10.78
N GLN A 269 -12.86 -3.68 -11.49
CA GLN A 269 -13.82 -2.65 -11.12
C GLN A 269 -14.40 -3.00 -9.74
N GLN A 270 -14.24 -2.09 -8.78
CA GLN A 270 -14.67 -2.34 -7.41
C GLN A 270 -16.15 -2.02 -7.18
N ASN A 271 -16.71 -2.68 -6.15
CA ASN A 271 -18.08 -2.50 -5.70
C ASN A 271 -18.26 -1.12 -5.04
N PRO A 272 -19.40 -0.45 -5.27
CA PRO A 272 -20.56 -0.92 -6.07
C PRO A 272 -20.39 -0.63 -7.55
N ILE A 273 -21.00 -1.48 -8.38
CA ILE A 273 -21.06 -1.30 -9.82
C ILE A 273 -22.21 -0.35 -10.07
N SER A 274 -21.95 0.75 -10.77
CA SER A 274 -22.99 1.74 -11.03
C SER A 274 -23.66 1.52 -12.38
N ILE A 275 -24.98 1.68 -12.36
CA ILE A 275 -25.88 1.65 -13.49
C ILE A 275 -26.60 3.00 -13.50
N THR A 276 -26.57 3.72 -14.63
CA THR A 276 -27.21 5.00 -14.75
C THR A 276 -28.50 4.83 -15.56
N LEU A 277 -29.65 5.12 -14.93
CA LEU A 277 -30.94 5.08 -15.59
C LEU A 277 -31.19 6.41 -16.28
N SER A 278 -32.15 6.46 -17.22
CA SER A 278 -32.59 7.72 -17.80
C SER A 278 -33.49 8.41 -16.76
N GLU A 279 -33.76 9.72 -16.93
CA GLU A 279 -34.62 10.48 -16.02
C GLU A 279 -36.03 9.83 -15.93
N ASP A 280 -36.60 9.40 -17.09
CA ASP A 280 -37.91 8.74 -17.16
C ASP A 280 -37.94 7.43 -16.38
N GLN A 281 -36.87 6.60 -16.53
CA GLN A 281 -36.74 5.33 -15.82
C GLN A 281 -36.66 5.56 -14.31
N ALA A 282 -35.88 6.57 -13.87
CA ALA A 282 -35.74 6.91 -12.44
C ALA A 282 -37.09 7.36 -11.82
N LYS A 283 -37.89 8.17 -12.55
CA LYS A 283 -39.21 8.66 -12.09
C LYS A 283 -40.24 7.53 -12.09
N SER A 284 -40.08 6.53 -13.00
CA SER A 284 -40.99 5.39 -13.14
C SER A 284 -40.86 4.38 -12.01
N LEU A 285 -39.75 4.39 -11.25
CA LEU A 285 -39.56 3.48 -10.12
C LEU A 285 -40.63 3.71 -9.07
N LYS A 286 -41.09 2.64 -8.40
CA LYS A 286 -42.10 2.72 -7.34
C LYS A 286 -41.50 2.21 -6.06
N ASN A 287 -41.94 2.74 -4.90
CA ASN A 287 -41.41 2.27 -3.61
C ASN A 287 -41.78 0.79 -3.42
N LYS A 288 -40.79 -0.02 -3.00
CA LYS A 288 -40.85 -1.48 -2.75
C LYS A 288 -40.99 -2.34 -4.05
N GLU A 289 -40.88 -1.73 -5.26
CA GLU A 289 -40.89 -2.50 -6.52
C GLU A 289 -39.68 -3.49 -6.56
N LYS A 290 -39.91 -4.73 -7.05
CA LYS A 290 -38.85 -5.74 -7.14
C LYS A 290 -38.18 -5.69 -8.51
N LEU A 291 -36.90 -5.27 -8.52
CA LEU A 291 -36.11 -5.21 -9.76
C LEU A 291 -35.38 -6.52 -9.95
N LYS A 292 -35.19 -6.94 -11.22
CA LYS A 292 -34.49 -8.18 -11.55
C LYS A 292 -33.08 -7.91 -12.13
N VAL A 293 -32.09 -8.73 -11.73
CA VAL A 293 -30.69 -8.69 -12.18
C VAL A 293 -30.29 -10.06 -12.73
N SER A 294 -29.82 -10.08 -13.98
CA SER A 294 -29.31 -11.26 -14.69
C SER A 294 -27.86 -10.96 -15.09
N ILE A 295 -26.94 -11.91 -14.81
CA ILE A 295 -25.51 -11.69 -15.10
C ILE A 295 -24.99 -12.76 -16.08
N LYS A 296 -24.43 -12.30 -17.21
CA LYS A 296 -23.83 -13.17 -18.21
C LYS A 296 -22.31 -12.96 -18.24
N GLN A 297 -21.54 -14.05 -18.07
CA GLN A 297 -20.08 -14.03 -18.18
C GLN A 297 -19.78 -14.06 -19.68
N LYS A 298 -19.35 -12.90 -20.25
CA LYS A 298 -19.13 -12.69 -21.69
C LYS A 298 -18.19 -13.72 -22.37
N GLN A 299 -17.10 -14.08 -21.69
CA GLN A 299 -16.09 -15.00 -22.24
C GLN A 299 -16.50 -16.46 -22.13
N SER A 300 -16.98 -16.91 -20.95
CA SER A 300 -17.39 -18.31 -20.75
C SER A 300 -18.81 -18.63 -21.28
N LYS A 301 -19.63 -17.58 -21.55
CA LYS A 301 -21.02 -17.64 -22.05
C LYS A 301 -21.97 -18.23 -20.98
N LYS A 302 -21.52 -18.32 -19.71
CA LYS A 302 -22.35 -18.85 -18.63
C LYS A 302 -23.21 -17.72 -18.09
N THR A 303 -24.49 -17.99 -17.81
CA THR A 303 -25.44 -17.00 -17.29
C THR A 303 -25.94 -17.42 -15.91
N SER A 304 -26.01 -16.45 -14.99
CA SER A 304 -26.46 -16.65 -13.61
C SER A 304 -27.95 -16.95 -13.52
N LYS A 305 -28.40 -17.26 -12.29
CA LYS A 305 -29.81 -17.38 -11.95
C LYS A 305 -30.35 -15.93 -11.85
N ASP A 306 -31.68 -15.73 -11.82
CA ASP A 306 -32.25 -14.39 -11.68
C ASP A 306 -32.12 -13.92 -10.24
N PHE A 307 -31.69 -12.67 -10.04
CA PHE A 307 -31.55 -12.04 -8.71
C PHE A 307 -32.57 -10.91 -8.60
N PHE A 308 -33.02 -10.63 -7.36
CA PHE A 308 -34.04 -9.59 -7.12
C PHE A 308 -33.70 -8.70 -5.94
N PHE A 309 -34.09 -7.42 -6.01
CA PHE A 309 -33.91 -6.45 -4.92
C PHE A 309 -35.04 -5.40 -4.99
N GLU A 310 -35.33 -4.75 -3.86
CA GLU A 310 -36.41 -3.77 -3.74
C GLU A 310 -35.97 -2.31 -3.86
N VAL A 311 -36.75 -1.51 -4.60
CA VAL A 311 -36.54 -0.07 -4.71
C VAL A 311 -36.91 0.53 -3.31
N GLY A 312 -35.94 1.16 -2.66
CA GLY A 312 -36.11 1.71 -1.33
C GLY A 312 -36.56 3.17 -1.28
N ILE A 313 -36.48 3.75 -0.07
CA ILE A 313 -36.87 5.15 0.17
C ILE A 313 -35.64 6.05 0.12
N ASP A 314 -35.70 7.08 -0.76
CA ASP A 314 -34.65 8.09 -0.99
C ASP A 314 -34.37 8.92 0.28
N PRO A 315 -33.18 8.76 0.91
CA PRO A 315 -32.90 9.47 2.18
C PRO A 315 -32.98 11.00 2.12
N GLU B 19 0.51 28.05 -9.30
CA GLU B 19 0.05 27.11 -8.28
C GLU B 19 1.21 26.62 -7.39
N GLU B 20 0.88 26.02 -6.23
CA GLU B 20 1.83 25.46 -5.27
C GLU B 20 2.24 24.02 -5.74
N LEU B 21 3.34 23.55 -5.15
CA LEU B 21 4.05 22.30 -5.38
C LEU B 21 3.25 21.00 -5.09
N PRO B 22 3.02 20.16 -6.15
CA PRO B 22 2.47 18.82 -5.95
C PRO B 22 3.51 17.92 -5.24
N ASP B 23 3.05 16.89 -4.53
CA ASP B 23 3.95 15.95 -3.86
C ASP B 23 4.71 15.05 -4.83
N ASP B 24 5.97 14.76 -4.52
CA ASP B 24 6.80 13.81 -5.26
C ASP B 24 6.34 12.41 -4.87
N LEU B 25 5.88 11.63 -5.84
CA LEU B 25 5.34 10.30 -5.57
C LEU B 25 6.35 9.18 -5.84
N MET B 26 7.65 9.53 -6.00
CA MET B 26 8.69 8.54 -6.24
C MET B 26 9.03 7.86 -4.92
N ASN B 27 9.18 6.54 -4.97
CA ASN B 27 9.58 5.71 -3.83
C ASN B 27 10.97 5.13 -4.12
N PHE B 28 12.01 6.00 -4.07
CA PHE B 28 13.41 5.70 -4.32
C PHE B 28 14.24 6.09 -3.11
N LYS B 29 14.66 5.11 -2.31
CA LYS B 29 15.48 5.34 -1.10
C LYS B 29 16.94 4.92 -1.34
N GLY B 30 17.23 4.40 -2.53
CA GLY B 30 18.60 4.06 -2.92
C GLY B 30 19.16 2.82 -2.27
N THR B 31 18.48 1.69 -2.42
CA THR B 31 18.93 0.44 -1.81
C THR B 31 18.53 -0.77 -2.63
N TRP B 32 19.40 -1.80 -2.64
CA TRP B 32 19.13 -3.08 -3.29
C TRP B 32 18.41 -4.04 -2.31
N GLU B 33 18.42 -3.74 -0.98
CA GLU B 33 17.76 -4.57 0.04
C GLU B 33 16.29 -4.72 -0.29
N VAL B 34 15.95 -5.88 -0.80
CA VAL B 34 14.66 -6.29 -1.38
C VAL B 34 13.42 -5.89 -0.50
N SER B 35 13.45 -6.13 0.83
CA SER B 35 12.33 -5.80 1.71
C SER B 35 12.34 -4.33 2.22
N ALA B 36 13.47 -3.60 2.09
CA ALA B 36 13.55 -2.22 2.59
C ALA B 36 12.61 -1.29 1.85
N ASP B 37 12.13 -0.23 2.54
CA ASP B 37 11.22 0.73 1.95
C ASP B 37 11.93 1.47 0.84
N GLY B 38 11.28 1.61 -0.31
CA GLY B 38 11.82 2.32 -1.46
C GLY B 38 12.99 1.65 -2.16
N SER B 39 13.11 0.33 -2.01
CA SER B 39 14.16 -0.43 -2.70
C SER B 39 13.82 -0.50 -4.19
N SER B 40 14.82 -0.68 -5.05
CA SER B 40 14.63 -0.72 -6.50
C SER B 40 14.90 -2.11 -7.09
N GLY B 41 14.24 -2.40 -8.22
CA GLY B 41 14.35 -3.64 -8.96
C GLY B 41 15.59 -3.65 -9.81
N ARG B 42 16.10 -4.84 -10.10
CA ARG B 42 17.35 -5.07 -10.85
C ARG B 42 17.15 -6.36 -11.65
N PHE B 43 17.34 -6.26 -12.96
CA PHE B 43 17.00 -7.38 -13.87
C PHE B 43 17.99 -7.48 -15.02
N PHE B 44 18.01 -8.62 -15.70
CA PHE B 44 18.82 -8.83 -16.88
C PHE B 44 18.07 -9.68 -17.90
N SER B 45 18.41 -9.52 -19.19
CA SER B 45 17.85 -10.33 -20.28
C SER B 45 18.99 -10.85 -21.11
N LYS B 46 19.23 -12.14 -21.06
CA LYS B 46 20.23 -12.85 -21.86
C LYS B 46 19.77 -12.79 -23.32
N GLY B 47 20.63 -12.28 -24.20
CA GLY B 47 20.27 -12.09 -25.61
C GLY B 47 19.46 -10.82 -25.88
N ALA B 48 19.23 -9.99 -24.82
CA ALA B 48 18.47 -8.74 -24.90
C ALA B 48 17.07 -8.96 -25.57
N THR B 49 16.21 -9.77 -24.94
CA THR B 49 14.88 -10.08 -25.45
C THR B 49 13.83 -9.22 -24.73
N ASP B 50 12.54 -9.51 -24.94
CA ASP B 50 11.44 -8.83 -24.25
C ASP B 50 11.39 -9.22 -22.76
N SER B 51 11.91 -10.41 -22.40
CA SER B 51 11.83 -11.00 -21.06
C SER B 51 13.05 -10.76 -20.17
N TYR B 52 12.78 -10.36 -18.93
CA TYR B 52 13.77 -10.03 -17.89
C TYR B 52 13.56 -10.84 -16.63
N VAL B 53 14.66 -11.34 -16.08
CA VAL B 53 14.65 -12.09 -14.82
C VAL B 53 15.49 -11.30 -13.82
N PHE B 54 15.33 -11.59 -12.49
CA PHE B 54 16.00 -10.86 -11.40
C PHE B 54 17.52 -11.01 -11.45
N HIS B 55 18.24 -9.88 -11.22
CA HIS B 55 19.69 -9.79 -11.26
C HIS B 55 20.24 -9.92 -9.85
N LEU B 56 20.58 -11.17 -9.46
CA LEU B 56 21.13 -11.45 -8.14
C LEU B 56 22.56 -10.92 -7.99
N ILE B 57 22.87 -10.45 -6.77
CA ILE B 57 24.17 -9.95 -6.35
C ILE B 57 24.59 -10.80 -5.11
N PRO B 58 25.88 -10.91 -4.70
CA PRO B 58 26.19 -11.75 -3.53
C PRO B 58 25.35 -11.38 -2.30
N ALA B 59 24.67 -12.38 -1.68
CA ALA B 59 23.78 -12.21 -0.51
C ALA B 59 24.43 -11.40 0.62
N LYS B 60 25.71 -11.65 0.89
CA LYS B 60 26.46 -10.97 1.95
C LYS B 60 26.74 -9.47 1.66
N ASP B 61 26.61 -9.03 0.38
CA ASP B 61 26.92 -7.64 -0.05
C ASP B 61 25.72 -6.81 -0.47
N VAL B 62 24.48 -7.30 -0.31
CA VAL B 62 23.27 -6.62 -0.78
C VAL B 62 23.16 -5.15 -0.30
N LYS B 63 23.58 -4.85 0.95
CA LYS B 63 23.51 -3.50 1.51
C LYS B 63 24.74 -2.67 1.24
N LYS B 64 25.83 -3.27 0.74
CA LYS B 64 27.10 -2.60 0.54
C LYS B 64 27.06 -1.53 -0.57
N PRO B 65 27.45 -0.27 -0.27
CA PRO B 65 27.56 0.77 -1.32
C PRO B 65 28.65 0.42 -2.32
N GLY B 66 28.54 0.98 -3.53
CA GLY B 66 29.50 0.74 -4.61
C GLY B 66 29.01 -0.27 -5.65
N TRP B 67 29.90 -0.62 -6.61
CA TRP B 67 29.59 -1.57 -7.68
C TRP B 67 29.42 -3.02 -7.16
N ARG B 68 28.27 -3.64 -7.45
CA ARG B 68 27.88 -5.01 -7.02
C ARG B 68 27.79 -5.91 -8.22
N GLU B 69 28.63 -6.96 -8.23
CA GLU B 69 28.71 -7.92 -9.35
C GLU B 69 27.42 -8.74 -9.51
N HIS B 70 27.11 -9.13 -10.77
CA HIS B 70 26.04 -10.09 -11.06
C HIS B 70 26.55 -11.40 -10.42
N ASN B 71 25.84 -11.89 -9.40
CA ASN B 71 26.25 -13.03 -8.56
C ASN B 71 26.91 -14.18 -9.36
N GLU B 72 28.22 -14.44 -9.10
CA GLU B 72 29.08 -15.49 -9.69
C GLU B 72 29.58 -15.23 -11.15
N VAL B 73 28.72 -14.75 -12.04
CA VAL B 73 29.07 -14.56 -13.45
CA VAL B 73 28.99 -14.49 -13.47
C VAL B 73 29.92 -13.27 -13.66
N LYS B 74 29.64 -12.17 -12.93
CA LYS B 74 30.39 -10.90 -12.97
C LYS B 74 30.47 -10.30 -14.42
N ASP B 75 29.39 -10.48 -15.22
CA ASP B 75 29.35 -9.92 -16.57
C ASP B 75 28.89 -8.45 -16.46
N SER B 76 27.96 -8.18 -15.53
CA SER B 76 27.49 -6.84 -15.24
C SER B 76 27.65 -6.52 -13.75
N TYR B 77 27.91 -5.25 -13.44
CA TYR B 77 27.95 -4.71 -12.08
C TYR B 77 26.88 -3.64 -11.98
N ILE B 78 26.30 -3.44 -10.79
CA ILE B 78 25.23 -2.45 -10.60
C ILE B 78 25.55 -1.57 -9.38
N LYS B 79 25.12 -0.29 -9.39
CA LYS B 79 25.41 0.64 -8.29
C LYS B 79 24.24 1.57 -8.01
N ILE B 80 23.90 1.72 -6.73
CA ILE B 80 22.79 2.54 -6.27
C ILE B 80 23.23 3.41 -5.09
N ASP B 81 22.67 4.59 -4.97
CA ASP B 81 22.88 5.51 -3.85
C ASP B 81 21.62 6.36 -3.75
N LYS B 82 21.62 7.35 -2.87
CA LYS B 82 20.46 8.21 -2.57
C LYS B 82 19.96 9.01 -3.78
N GLN B 83 20.84 9.28 -4.75
CA GLN B 83 20.50 10.12 -5.89
C GLN B 83 20.54 9.41 -7.26
N SER B 84 21.22 8.25 -7.36
CA SER B 84 21.47 7.62 -8.66
C SER B 84 21.40 6.09 -8.69
N ILE B 85 21.26 5.54 -9.91
CA ILE B 85 21.20 4.11 -10.21
C ILE B 85 22.03 3.90 -11.49
N ALA B 86 22.93 2.90 -11.49
CA ALA B 86 23.86 2.74 -12.61
C ALA B 86 24.19 1.29 -12.93
N ALA B 87 24.49 1.02 -14.21
CA ALA B 87 24.89 -0.31 -14.67
C ALA B 87 26.28 -0.25 -15.31
N ARG B 88 27.04 -1.34 -15.20
CA ARG B 88 28.37 -1.49 -15.80
C ARG B 88 28.44 -2.81 -16.56
N TYR B 89 28.85 -2.76 -17.84
CA TYR B 89 29.03 -3.94 -18.70
C TYR B 89 30.54 -4.24 -18.80
N LYS B 90 30.94 -5.46 -18.41
CA LYS B 90 32.35 -5.91 -18.40
C LYS B 90 32.68 -6.62 -19.69
N THR B 91 33.99 -6.81 -19.96
CA THR B 91 34.45 -7.52 -21.17
C THR B 91 33.94 -8.99 -21.20
N SER B 92 33.66 -9.57 -20.03
CA SER B 92 33.17 -10.95 -19.90
C SER B 92 31.71 -11.13 -20.38
N THR B 93 30.97 -10.03 -20.63
CA THR B 93 29.58 -10.06 -21.11
C THR B 93 29.46 -10.80 -22.45
N THR B 94 28.42 -11.65 -22.57
CA THR B 94 28.08 -12.31 -23.86
C THR B 94 27.00 -11.44 -24.47
N ALA B 95 27.34 -10.74 -25.55
CA ALA B 95 26.44 -9.83 -26.25
C ALA B 95 25.53 -10.58 -27.24
N PRO B 96 24.28 -10.14 -27.51
CA PRO B 96 23.55 -9.00 -26.92
C PRO B 96 23.16 -9.29 -25.48
N TYR B 97 23.22 -8.28 -24.63
CA TYR B 97 22.89 -8.44 -23.20
C TYR B 97 22.32 -7.14 -22.65
N SER B 98 21.34 -7.25 -21.75
CA SER B 98 20.63 -6.10 -21.20
C SER B 98 20.42 -6.16 -19.70
N VAL B 99 20.66 -5.01 -19.03
CA VAL B 99 20.39 -4.81 -17.60
C VAL B 99 19.24 -3.80 -17.53
N ALA B 100 18.23 -4.05 -16.64
CA ALA B 100 17.12 -3.11 -16.43
C ALA B 100 16.89 -2.85 -14.95
N PHE B 101 16.50 -1.60 -14.62
CA PHE B 101 16.15 -1.24 -13.27
C PHE B 101 14.70 -0.84 -13.18
N LYS B 102 14.11 -1.05 -12.00
CA LYS B 102 12.74 -0.61 -11.77
C LYS B 102 12.73 0.29 -10.56
N VAL B 103 12.39 1.57 -10.75
CA VAL B 103 12.31 2.56 -9.68
C VAL B 103 10.80 2.75 -9.40
N ASN B 104 10.36 2.30 -8.22
CA ASN B 104 8.94 2.30 -7.84
C ASN B 104 8.39 3.67 -7.48
N THR B 105 7.08 3.80 -7.70
CA THR B 105 6.30 4.96 -7.30
C THR B 105 5.48 4.57 -6.07
N LYS B 106 4.84 5.56 -5.45
CA LYS B 106 3.85 5.35 -4.39
C LYS B 106 2.55 4.96 -5.09
N SER B 107 1.50 4.60 -4.35
CA SER B 107 0.24 4.18 -4.94
C SER B 107 -0.37 5.31 -5.82
N LEU B 108 -0.57 5.01 -7.12
CA LEU B 108 -1.14 5.98 -8.06
C LEU B 108 -2.66 5.80 -8.15
N ILE B 109 -3.35 6.83 -8.66
CA ILE B 109 -4.80 6.78 -8.83
C ILE B 109 -5.09 6.40 -10.29
N LYS B 110 -6.10 5.52 -10.49
CA LYS B 110 -6.51 5.07 -11.82
C LYS B 110 -7.02 6.24 -12.67
N ASP B 111 -6.58 6.30 -13.94
CA ASP B 111 -7.01 7.29 -14.93
C ASP B 111 -6.50 8.72 -14.61
N HIS B 112 -5.41 8.83 -13.83
CA HIS B 112 -4.74 10.10 -13.53
C HIS B 112 -3.52 10.25 -14.46
N ASP B 113 -3.09 11.49 -14.71
CA ASP B 113 -1.95 11.78 -15.58
C ASP B 113 -0.74 12.11 -14.71
N TYR B 114 0.42 11.54 -15.05
CA TYR B 114 1.65 11.73 -14.29
C TYR B 114 2.82 12.21 -15.16
N LYS B 115 3.79 12.86 -14.52
CA LYS B 115 4.98 13.37 -15.17
C LYS B 115 6.22 12.96 -14.41
N ILE B 116 7.02 12.07 -15.05
CA ILE B 116 8.30 11.59 -14.53
C ILE B 116 9.40 12.50 -15.07
N THR B 117 10.30 12.97 -14.19
CA THR B 117 11.49 13.73 -14.57
C THR B 117 12.70 13.04 -13.97
N PHE B 118 13.80 13.05 -14.70
CA PHE B 118 15.09 12.50 -14.27
C PHE B 118 16.19 13.00 -15.17
N GLU B 119 17.43 12.80 -14.73
CA GLU B 119 18.57 13.16 -15.55
C GLU B 119 19.21 11.92 -16.13
N GLN B 120 19.39 11.92 -17.45
CA GLN B 120 20.14 10.87 -18.11
C GLN B 120 21.62 11.25 -17.97
N GLY B 121 22.33 10.49 -17.15
CA GLY B 121 23.76 10.66 -16.93
C GLY B 121 24.56 9.99 -18.02
N GLN B 122 25.84 9.70 -17.74
CA GLN B 122 26.78 9.11 -18.69
C GLN B 122 26.23 7.87 -19.39
N ILE B 123 26.45 7.80 -20.70
CA ILE B 123 26.12 6.66 -21.55
C ILE B 123 27.41 6.29 -22.26
N ALA B 124 27.96 5.12 -21.93
CA ALA B 124 29.20 4.69 -22.59
C ALA B 124 28.98 4.42 -24.06
N SER B 125 30.03 4.57 -24.87
CA SER B 125 30.01 4.21 -26.30
C SER B 125 29.68 2.70 -26.38
N GLY B 126 28.68 2.33 -27.16
CA GLY B 126 28.27 0.93 -27.26
C GLY B 126 27.00 0.60 -26.47
N ILE B 127 26.63 1.46 -25.51
CA ILE B 127 25.39 1.28 -24.73
C ILE B 127 24.23 2.06 -25.40
N THR B 128 23.06 1.40 -25.55
CA THR B 128 21.82 2.00 -26.06
C THR B 128 20.79 1.86 -24.93
N VAL B 129 19.89 2.84 -24.81
CA VAL B 129 18.98 3.02 -23.65
C VAL B 129 17.51 3.15 -24.06
N ASP B 130 16.62 2.61 -23.23
CA ASP B 130 15.17 2.72 -23.37
C ASP B 130 14.55 3.06 -22.03
N TYR B 131 13.41 3.79 -22.06
CA TYR B 131 12.62 4.17 -20.89
C TYR B 131 11.20 3.66 -21.06
N ARG B 132 10.68 2.90 -20.07
CA ARG B 132 9.33 2.32 -20.08
C ARG B 132 8.61 2.47 -18.74
N ILE B 133 7.29 2.26 -18.75
CA ILE B 133 6.45 2.18 -17.55
C ILE B 133 6.19 0.72 -17.31
N GLY B 134 6.19 0.28 -16.06
CA GLY B 134 5.90 -1.11 -15.78
C GLY B 134 5.18 -1.30 -14.47
N SER B 135 4.98 -2.57 -14.09
CA SER B 135 4.44 -2.90 -12.79
C SER B 135 5.49 -2.53 -11.75
N ALA B 136 5.08 -2.34 -10.49
CA ALA B 136 6.04 -2.06 -9.45
C ALA B 136 6.95 -3.27 -9.27
N PHE B 137 8.19 -3.05 -8.85
CA PHE B 137 9.06 -4.13 -8.44
C PHE B 137 8.35 -4.77 -7.20
N ASN B 138 8.08 -6.08 -7.24
CA ASN B 138 7.27 -6.71 -6.18
C ASN B 138 8.04 -7.02 -4.86
N LYS B 139 9.28 -6.54 -4.71
CA LYS B 139 10.10 -6.65 -3.50
C LYS B 139 10.44 -8.13 -3.14
N THR B 140 10.73 -8.95 -4.17
CA THR B 140 11.17 -10.35 -4.02
C THR B 140 12.35 -10.58 -4.98
N THR B 141 13.17 -11.62 -4.73
CA THR B 141 14.25 -12.00 -5.63
C THR B 141 13.72 -12.88 -6.77
N ASP B 142 12.40 -13.11 -6.78
CA ASP B 142 11.66 -13.90 -7.76
C ASP B 142 11.02 -13.00 -8.85
N ASP B 143 11.12 -11.67 -8.71
CA ASP B 143 10.50 -10.75 -9.64
C ASP B 143 11.01 -10.89 -11.06
N SER B 144 10.11 -10.65 -12.01
CA SER B 144 10.37 -10.73 -13.45
C SER B 144 9.40 -9.81 -14.19
N PHE B 145 9.70 -9.49 -15.46
CA PHE B 145 8.82 -8.64 -16.25
C PHE B 145 9.14 -8.78 -17.73
N LYS B 146 8.21 -8.32 -18.56
CA LYS B 146 8.38 -8.23 -20.01
C LYS B 146 8.26 -6.75 -20.37
N ILE B 147 9.08 -6.26 -21.32
CA ILE B 147 8.97 -4.85 -21.73
C ILE B 147 7.53 -4.55 -22.21
N SER B 148 6.96 -5.49 -22.98
CA SER B 148 5.63 -5.39 -23.57
C SER B 148 4.48 -5.34 -22.53
N ASP B 149 4.75 -5.55 -21.22
CA ASP B 149 3.69 -5.47 -20.21
C ASP B 149 3.31 -4.02 -19.95
N GLU B 150 4.08 -3.05 -20.50
CA GLU B 150 3.82 -1.62 -20.35
C GLU B 150 2.35 -1.26 -20.66
N SER B 151 1.79 -1.84 -21.74
CA SER B 151 0.42 -1.62 -22.23
C SER B 151 -0.67 -2.06 -21.21
N LYS B 152 -0.34 -2.90 -20.22
CA LYS B 152 -1.29 -3.30 -19.17
C LYS B 152 -1.45 -2.20 -18.10
N TYR B 153 -0.40 -1.36 -17.92
CA TYR B 153 -0.36 -0.37 -16.84
C TYR B 153 -0.56 1.07 -17.27
N ALA B 154 -0.04 1.43 -18.44
CA ALA B 154 -0.08 2.82 -18.86
C ALA B 154 -0.50 2.99 -20.31
N SER B 155 -1.11 4.13 -20.59
CA SER B 155 -1.51 4.54 -21.92
C SER B 155 -0.92 5.92 -22.20
N ASN B 156 -0.84 6.30 -23.48
CA ASN B 156 -0.33 7.60 -23.93
C ASN B 156 1.07 7.90 -23.34
N VAL B 157 1.96 6.88 -23.30
CA VAL B 157 3.33 7.04 -22.77
C VAL B 157 4.11 7.85 -23.75
N LYS B 158 4.72 8.94 -23.28
CA LYS B 158 5.50 9.80 -24.16
C LYS B 158 6.74 10.35 -23.49
N ILE B 159 7.90 10.06 -24.09
CA ILE B 159 9.18 10.68 -23.71
C ILE B 159 9.18 12.01 -24.45
N GLU B 160 9.32 13.13 -23.74
CA GLU B 160 9.29 14.44 -24.38
C GLU B 160 10.42 14.59 -25.41
N GLY B 161 10.02 14.81 -26.67
CA GLY B 161 10.90 15.00 -27.82
C GLY B 161 11.70 13.79 -28.28
N GLU B 162 11.35 12.58 -27.80
CA GLU B 162 12.08 11.35 -28.14
C GLU B 162 11.15 10.16 -28.38
N GLU B 163 11.67 9.13 -29.05
CA GLU B 163 10.91 7.90 -29.27
C GLU B 163 11.39 6.84 -28.26
N GLN B 164 10.52 5.88 -27.92
CA GLN B 164 10.85 4.76 -27.04
C GLN B 164 11.58 3.71 -27.88
N GLY B 165 12.13 2.68 -27.24
CA GLY B 165 12.95 1.66 -27.88
C GLY B 165 14.42 1.94 -27.59
N PHE B 166 15.28 0.91 -27.70
CA PHE B 166 16.72 1.05 -27.44
C PHE B 166 17.37 1.96 -28.47
N LYS B 167 17.93 3.08 -28.00
CA LYS B 167 18.55 4.10 -28.85
C LYS B 167 19.75 4.73 -28.21
N GLN B 168 20.56 5.36 -29.05
CA GLN B 168 21.59 6.27 -28.57
C GLN B 168 20.81 7.51 -28.17
N ARG B 169 21.04 8.03 -26.98
CA ARG B 169 20.30 9.21 -26.51
C ARG B 169 21.25 10.30 -26.06
N GLU B 170 20.77 11.55 -26.10
CA GLU B 170 21.55 12.67 -25.56
C GLU B 170 21.50 12.58 -24.05
N GLN B 171 22.54 13.06 -23.38
CA GLN B 171 22.54 13.07 -21.91
C GLN B 171 21.90 14.39 -21.47
N GLY B 172 21.22 14.38 -20.34
CA GLY B 172 20.54 15.56 -19.82
C GLY B 172 19.17 15.24 -19.24
N ASP B 173 18.36 16.28 -19.01
CA ASP B 173 17.01 16.23 -18.45
C ASP B 173 16.07 15.45 -19.33
N LYS B 174 15.30 14.53 -18.74
CA LYS B 174 14.31 13.73 -19.45
C LYS B 174 12.96 13.89 -18.80
N THR B 175 11.89 13.83 -19.62
CA THR B 175 10.50 13.96 -19.15
C THR B 175 9.68 12.85 -19.77
N ILE B 176 8.95 12.08 -18.93
CA ILE B 176 8.06 11.03 -19.42
C ILE B 176 6.66 11.25 -18.82
N SER B 177 5.66 11.41 -19.69
CA SER B 177 4.28 11.59 -19.29
C SER B 177 3.48 10.33 -19.67
N PHE B 178 2.43 10.01 -18.88
CA PHE B 178 1.58 8.83 -19.11
C PHE B 178 0.28 8.91 -18.30
N ARG B 179 -0.70 8.05 -18.67
CA ARG B 179 -1.97 7.91 -17.97
C ARG B 179 -2.07 6.49 -17.44
N THR B 180 -2.46 6.33 -16.18
CA THR B 180 -2.59 5.03 -15.53
C THR B 180 -3.86 4.31 -15.97
N LEU B 181 -3.76 2.98 -16.13
CA LEU B 181 -4.89 2.11 -16.51
C LEU B 181 -5.44 1.41 -15.28
N LYS B 182 -4.82 1.65 -14.13
CA LYS B 182 -5.24 1.06 -12.86
C LYS B 182 -4.68 1.84 -11.70
N GLU B 183 -5.08 1.44 -10.49
CA GLU B 183 -4.67 2.06 -9.24
C GLU B 183 -3.50 1.24 -8.62
N GLY B 184 -2.69 1.90 -7.81
CA GLY B 184 -1.60 1.22 -7.12
C GLY B 184 -0.22 1.64 -7.60
N PRO B 185 0.85 1.15 -6.92
CA PRO B 185 2.22 1.50 -7.33
C PRO B 185 2.60 0.94 -8.69
N MET B 186 3.48 1.67 -9.38
CA MET B 186 4.02 1.30 -10.69
C MET B 186 5.51 1.56 -10.66
N SER B 187 6.19 1.40 -11.80
CA SER B 187 7.62 1.68 -11.82
C SER B 187 8.04 2.40 -13.06
N LEU B 188 9.14 3.13 -12.90
CA LEU B 188 9.87 3.66 -14.02
C LEU B 188 10.90 2.57 -14.37
N VAL B 189 10.91 2.12 -15.63
CA VAL B 189 11.82 1.07 -16.08
C VAL B 189 12.96 1.72 -16.85
N LEU B 190 14.19 1.61 -16.32
CA LEU B 190 15.39 2.19 -16.92
C LEU B 190 16.22 1.06 -17.54
N LEU B 191 16.15 0.93 -18.86
CA LEU B 191 16.78 -0.15 -19.60
C LEU B 191 17.97 0.27 -20.41
N SER B 192 18.97 -0.60 -20.48
CA SER B 192 20.17 -0.37 -21.30
C SER B 192 20.65 -1.69 -21.83
N LYS B 193 21.43 -1.67 -22.92
CA LYS B 193 21.99 -2.90 -23.47
C LYS B 193 23.25 -2.67 -24.27
N VAL B 194 23.99 -3.77 -24.50
CA VAL B 194 25.18 -3.80 -25.36
C VAL B 194 24.88 -4.81 -26.50
N GLU B 195 25.26 -4.47 -27.74
CA GLU B 195 25.02 -5.27 -28.95
C GLU B 195 26.26 -6.08 -29.35
N LYS B 196 27.43 -5.66 -28.89
CA LYS B 196 28.67 -6.36 -29.17
C LYS B 196 29.45 -6.45 -27.86
N LYS B 197 30.39 -7.41 -27.80
CA LYS B 197 31.17 -7.64 -26.59
C LYS B 197 31.97 -6.40 -26.19
N PRO B 198 31.82 -5.92 -24.92
CA PRO B 198 32.59 -4.75 -24.49
C PRO B 198 34.11 -4.98 -24.51
N GLN B 199 34.91 -3.95 -24.81
CA GLN B 199 36.38 -4.08 -24.81
CA GLN B 199 36.38 -4.07 -24.81
C GLN B 199 36.96 -3.39 -23.58
N GLY B 200 36.07 -2.88 -22.73
CA GLY B 200 36.37 -2.26 -21.45
C GLY B 200 35.08 -2.08 -20.67
N ASP B 201 35.18 -1.56 -19.42
CA ASP B 201 34.01 -1.30 -18.56
C ASP B 201 33.12 -0.26 -19.22
N LEU B 202 31.84 -0.58 -19.47
CA LEU B 202 30.93 0.39 -20.09
C LEU B 202 29.84 0.76 -19.07
N ASP B 203 29.84 2.03 -18.61
CA ASP B 203 28.92 2.51 -17.59
C ASP B 203 27.77 3.37 -18.13
N VAL B 204 26.60 3.21 -17.52
CA VAL B 204 25.40 4.01 -17.80
C VAL B 204 24.78 4.41 -16.44
N GLU B 205 24.43 5.68 -16.28
CA GLU B 205 23.88 6.19 -15.03
C GLU B 205 22.59 7.00 -15.25
N PHE B 206 21.68 6.90 -14.27
CA PHE B 206 20.41 7.64 -14.24
C PHE B 206 20.30 8.32 -12.89
N LYS B 207 19.83 9.59 -12.83
CA LYS B 207 19.77 10.25 -11.51
C LYS B 207 18.62 11.24 -11.33
N ASN B 208 18.45 11.74 -10.08
CA ASN B 208 17.48 12.76 -9.68
C ASN B 208 16.06 12.40 -10.21
N LEU B 209 15.55 11.25 -9.76
CA LEU B 209 14.28 10.68 -10.20
C LEU B 209 13.12 11.23 -9.39
N LYS B 210 12.09 11.75 -10.11
CA LYS B 210 10.89 12.36 -9.55
C LYS B 210 9.67 12.03 -10.38
N ILE B 211 8.48 12.01 -9.75
CA ILE B 211 7.18 11.80 -10.40
C ILE B 211 6.14 12.63 -9.67
N ILE B 212 5.35 13.39 -10.44
CA ILE B 212 4.25 14.21 -9.90
C ILE B 212 2.95 13.93 -10.68
N ASP B 213 1.82 14.16 -10.03
CA ASP B 213 0.50 14.09 -10.64
C ASP B 213 0.29 15.39 -11.41
N VAL B 214 -0.08 15.32 -12.70
CA VAL B 214 -0.33 16.50 -13.55
C VAL B 214 -1.78 16.49 -14.08
N THR B 215 -2.68 15.73 -13.42
CA THR B 215 -4.08 15.59 -13.82
C THR B 215 -4.80 16.94 -13.83
N ASN B 216 -5.48 17.23 -14.93
CA ASN B 216 -6.28 18.44 -15.07
C ASN B 216 -7.61 18.23 -14.33
N PRO B 217 -8.10 19.22 -13.57
CA PRO B 217 -9.42 19.05 -12.92
C PRO B 217 -10.56 18.93 -13.95
N SER B 218 -11.68 18.33 -13.52
CA SER B 218 -12.87 18.17 -14.38
C SER B 218 -13.52 19.51 -14.65
N GLN B 219 -14.50 19.51 -15.56
CA GLN B 219 -15.28 20.68 -15.93
C GLN B 219 -16.74 20.45 -15.58
N LEU B 220 -17.48 21.52 -15.30
CA LEU B 220 -18.90 21.41 -15.04
C LEU B 220 -19.65 21.33 -16.37
N ASP B 221 -20.34 20.22 -16.63
CA ASP B 221 -21.14 20.06 -17.85
C ASP B 221 -22.45 20.79 -17.66
N LYS B 222 -23.13 20.55 -16.53
CA LYS B 222 -24.40 21.18 -16.18
C LYS B 222 -24.62 21.10 -14.67
N GLY B 223 -25.39 22.03 -14.15
CA GLY B 223 -25.74 22.11 -12.74
C GLY B 223 -27.24 22.26 -12.56
N VAL B 224 -27.82 21.62 -11.53
CA VAL B 224 -29.25 21.71 -11.22
C VAL B 224 -29.42 22.05 -9.73
N ALA B 225 -30.11 23.15 -9.42
CA ALA B 225 -30.43 23.60 -8.07
C ALA B 225 -31.77 24.34 -8.06
N TYR B 226 -32.52 24.22 -6.95
CA TYR B 226 -33.84 24.85 -6.77
C TYR B 226 -33.94 25.56 -5.43
N VAL B 227 -34.66 26.71 -5.42
CA VAL B 227 -34.90 27.53 -4.21
C VAL B 227 -35.56 26.65 -3.12
N GLY B 228 -34.99 26.67 -1.91
CA GLY B 228 -35.49 25.86 -0.80
C GLY B 228 -35.13 24.39 -0.82
N ASN B 229 -34.38 23.90 -1.85
CA ASN B 229 -33.97 22.49 -1.98
C ASN B 229 -32.49 22.34 -1.64
N LYS B 230 -32.18 21.53 -0.60
CA LYS B 230 -30.83 21.27 -0.08
C LYS B 230 -29.96 20.41 -1.01
N ASN B 231 -30.55 19.82 -2.07
CA ASN B 231 -29.81 18.95 -2.98
CA ASN B 231 -29.83 18.94 -2.98
C ASN B 231 -29.51 19.62 -4.33
N VAL B 232 -28.20 19.79 -4.59
CA VAL B 232 -27.64 20.37 -5.82
C VAL B 232 -27.01 19.23 -6.58
N GLN B 233 -27.35 19.09 -7.85
CA GLN B 233 -26.83 18.02 -8.69
C GLN B 233 -25.90 18.60 -9.76
N LEU B 234 -24.61 18.28 -9.66
CA LEU B 234 -23.57 18.75 -10.58
C LEU B 234 -23.10 17.62 -11.48
N THR B 235 -23.10 17.87 -12.79
CA THR B 235 -22.66 16.93 -13.81
C THR B 235 -21.22 17.36 -14.19
N LEU B 236 -20.26 16.40 -14.12
CA LEU B 236 -18.86 16.64 -14.45
C LEU B 236 -18.54 16.10 -15.84
N LYS B 237 -17.65 16.85 -16.49
CA LYS B 237 -17.18 16.75 -17.88
C LYS B 237 -15.65 16.77 -17.96
N SER B 238 -15.05 16.14 -19.00
CA SER B 238 -13.60 16.25 -19.23
C SER B 238 -13.27 16.53 -20.71
N ASP B 239 -12.24 17.36 -20.96
CA ASP B 239 -11.76 17.72 -22.30
C ASP B 239 -10.63 16.81 -22.77
N ASP B 240 -10.00 16.05 -21.84
CA ASP B 240 -8.86 15.19 -22.19
C ASP B 240 -9.15 13.68 -22.07
N GLY B 241 -10.43 13.28 -22.05
CA GLY B 241 -10.83 11.87 -22.01
C GLY B 241 -10.85 11.21 -20.65
N ARG B 242 -10.54 11.96 -19.58
CA ARG B 242 -10.55 11.44 -18.20
C ARG B 242 -12.00 11.09 -17.79
N THR B 243 -12.20 9.91 -17.17
CA THR B 243 -13.52 9.44 -16.73
C THR B 243 -13.55 9.29 -15.19
N ASN B 244 -12.38 9.05 -14.55
CA ASN B 244 -12.35 8.93 -13.09
C ASN B 244 -12.02 10.28 -12.48
N PHE B 245 -13.05 10.94 -11.91
CA PHE B 245 -12.92 12.27 -11.34
C PHE B 245 -12.48 12.24 -9.88
N GLU B 246 -12.03 11.08 -9.40
CA GLU B 246 -11.49 10.85 -8.06
C GLU B 246 -10.42 11.89 -7.71
N GLY B 247 -10.53 12.46 -6.52
CA GLY B 247 -9.57 13.43 -6.01
C GLY B 247 -9.93 14.88 -6.25
N ASP B 248 -10.86 15.14 -7.18
CA ASP B 248 -11.33 16.49 -7.48
C ASP B 248 -12.13 17.08 -6.31
N GLU B 249 -11.75 18.28 -5.89
CA GLU B 249 -12.36 19.07 -4.82
C GLU B 249 -13.33 20.08 -5.45
N ILE B 250 -14.64 19.79 -5.39
CA ILE B 250 -15.66 20.66 -5.99
C ILE B 250 -16.07 21.74 -4.97
N SER B 251 -16.04 23.02 -5.39
CA SER B 251 -16.44 24.15 -4.55
C SER B 251 -17.54 24.95 -5.22
N LEU B 252 -18.68 25.00 -4.52
CA LEU B 252 -19.93 25.66 -4.91
C LEU B 252 -20.03 27.01 -4.19
N PHE B 253 -20.30 28.07 -4.98
CA PHE B 253 -20.41 29.48 -4.56
C PHE B 253 -21.70 30.14 -5.02
N ASN B 254 -22.23 31.07 -4.20
CA ASN B 254 -23.40 31.88 -4.55
C ASN B 254 -22.95 33.04 -5.46
N SER B 255 -23.91 33.79 -6.05
CA SER B 255 -23.61 34.92 -6.95
C SER B 255 -22.77 36.01 -6.25
N ARG B 256 -22.81 36.07 -4.90
CA ARG B 256 -22.02 37.00 -4.08
C ARG B 256 -20.57 36.46 -3.87
N GLY B 257 -20.27 35.31 -4.48
CA GLY B 257 -18.98 34.60 -4.43
C GLY B 257 -18.66 34.05 -3.05
N GLU B 258 -19.71 33.74 -2.25
CA GLU B 258 -19.53 33.28 -0.88
C GLU B 258 -19.58 31.74 -0.73
N LEU B 259 -18.90 31.29 0.33
CA LEU B 259 -18.68 29.92 0.79
C LEU B 259 -19.98 29.13 1.01
N LEU B 260 -20.19 28.04 0.26
CA LEU B 260 -21.38 27.21 0.47
C LEU B 260 -20.95 25.80 0.86
N GLN B 261 -20.51 24.96 -0.12
CA GLN B 261 -20.12 23.59 0.18
C GLN B 261 -18.92 23.10 -0.65
N THR B 262 -18.14 22.16 -0.05
CA THR B 262 -16.99 21.52 -0.69
C THR B 262 -17.10 19.99 -0.50
N VAL B 263 -17.05 19.26 -1.62
CA VAL B 263 -17.05 17.78 -1.65
C VAL B 263 -15.83 17.31 -2.47
N THR B 264 -15.30 16.12 -2.12
CA THR B 264 -14.18 15.49 -2.85
C THR B 264 -14.75 14.23 -3.51
N VAL B 265 -14.56 14.13 -4.84
CA VAL B 265 -15.06 13.03 -5.65
C VAL B 265 -14.32 11.73 -5.29
N THR B 266 -15.07 10.62 -5.20
CA THR B 266 -14.52 9.31 -4.86
C THR B 266 -14.28 8.51 -6.16
N LYS B 267 -13.67 7.32 -6.03
CA LYS B 267 -13.30 6.44 -7.14
C LYS B 267 -14.49 6.11 -8.05
N ASP B 268 -14.36 6.48 -9.34
CA ASP B 268 -15.33 6.28 -10.41
C ASP B 268 -16.77 6.72 -10.01
N GLN B 269 -16.87 7.77 -9.16
CA GLN B 269 -18.16 8.29 -8.71
C GLN B 269 -18.92 8.84 -9.91
N GLN B 270 -20.12 8.29 -10.12
CA GLN B 270 -20.93 8.63 -11.28
C GLN B 270 -21.75 9.90 -11.10
N ASN B 271 -22.05 10.54 -12.25
CA ASN B 271 -22.86 11.74 -12.34
C ASN B 271 -24.33 11.39 -12.07
N PRO B 272 -25.06 12.26 -11.35
CA PRO B 272 -24.61 13.56 -10.82
C PRO B 272 -23.91 13.46 -9.47
N ILE B 273 -22.99 14.40 -9.23
CA ILE B 273 -22.30 14.53 -7.95
C ILE B 273 -23.22 15.37 -7.09
N SER B 274 -23.58 14.86 -5.92
CA SER B 274 -24.49 15.57 -5.03
C SER B 274 -23.74 16.35 -3.96
N ILE B 275 -24.26 17.55 -3.66
CA ILE B 275 -23.81 18.46 -2.62
C ILE B 275 -25.04 18.68 -1.74
N THR B 276 -24.88 18.49 -0.42
CA THR B 276 -25.98 18.69 0.50
C THR B 276 -25.73 20.00 1.24
N LEU B 277 -26.56 21.02 0.94
CA LEU B 277 -26.50 22.34 1.56
C LEU B 277 -27.25 22.29 2.89
N SER B 278 -27.07 23.31 3.74
CA SER B 278 -27.81 23.43 4.99
C SER B 278 -29.20 24.00 4.66
N GLU B 279 -30.17 23.90 5.61
CA GLU B 279 -31.54 24.42 5.44
C GLU B 279 -31.50 25.92 5.08
N ASP B 280 -30.66 26.71 5.80
CA ASP B 280 -30.48 28.16 5.58
C ASP B 280 -29.94 28.45 4.17
N GLN B 281 -28.94 27.67 3.69
CA GLN B 281 -28.33 27.85 2.36
C GLN B 281 -29.32 27.56 1.21
N ALA B 282 -30.20 26.55 1.41
CA ALA B 282 -31.25 26.13 0.46
C ALA B 282 -32.30 27.24 0.28
N LYS B 283 -32.77 27.84 1.41
CA LYS B 283 -33.76 28.93 1.43
C LYS B 283 -33.14 30.23 0.87
N SER B 284 -31.83 30.50 1.15
CA SER B 284 -31.08 31.69 0.69
C SER B 284 -31.00 31.82 -0.84
N LEU B 285 -31.13 30.69 -1.56
CA LEU B 285 -31.08 30.67 -3.03
C LEU B 285 -32.19 31.54 -3.61
N LYS B 286 -31.89 32.23 -4.72
CA LYS B 286 -32.86 33.09 -5.39
C LYS B 286 -33.12 32.55 -6.78
N ASN B 287 -34.34 32.74 -7.30
CA ASN B 287 -34.69 32.27 -8.63
C ASN B 287 -33.82 32.96 -9.69
N LYS B 288 -33.26 32.17 -10.62
CA LYS B 288 -32.39 32.58 -11.75
C LYS B 288 -30.99 33.08 -11.28
N GLU B 289 -30.67 32.89 -10.00
CA GLU B 289 -29.37 33.27 -9.43
C GLU B 289 -28.27 32.42 -10.08
N LYS B 290 -27.16 33.06 -10.47
CA LYS B 290 -26.05 32.35 -11.10
C LYS B 290 -25.10 31.81 -10.02
N LEU B 291 -25.15 30.46 -9.81
CA LEU B 291 -24.25 29.78 -8.87
C LEU B 291 -22.89 29.54 -9.56
N LYS B 292 -21.78 29.65 -8.77
CA LYS B 292 -20.41 29.49 -9.29
CA LYS B 292 -20.40 29.52 -9.26
C LYS B 292 -19.76 28.20 -8.79
N VAL B 293 -19.16 27.43 -9.72
CA VAL B 293 -18.48 26.16 -9.44
C VAL B 293 -16.99 26.27 -9.82
N SER B 294 -16.12 25.99 -8.85
CA SER B 294 -14.67 25.94 -8.96
C SER B 294 -14.18 24.54 -8.55
N ILE B 295 -13.33 23.92 -9.40
CA ILE B 295 -12.84 22.56 -9.13
C ILE B 295 -11.31 22.54 -9.00
N LYS B 296 -10.82 22.00 -7.88
CA LYS B 296 -9.39 21.86 -7.62
C LYS B 296 -9.00 20.36 -7.61
N GLN B 297 -7.95 20.00 -8.41
CA GLN B 297 -7.42 18.65 -8.42
C GLN B 297 -6.51 18.53 -7.19
N LYS B 298 -6.92 17.73 -6.20
CA LYS B 298 -6.19 17.57 -4.94
C LYS B 298 -4.71 17.12 -5.11
N GLN B 299 -4.46 16.15 -6.01
CA GLN B 299 -3.13 15.60 -6.21
C GLN B 299 -2.24 16.51 -7.08
N SER B 300 -2.74 16.97 -8.23
CA SER B 300 -1.93 17.82 -9.13
C SER B 300 -1.89 19.31 -8.70
N LYS B 301 -2.82 19.74 -7.81
CA LYS B 301 -2.98 21.12 -7.29
C LYS B 301 -3.43 22.10 -8.40
N LYS B 302 -3.84 21.59 -9.57
CA LYS B 302 -4.35 22.42 -10.66
C LYS B 302 -5.82 22.78 -10.36
N THR B 303 -6.22 24.04 -10.64
CA THR B 303 -7.59 24.54 -10.39
C THR B 303 -8.22 24.97 -11.72
N SER B 304 -9.50 24.60 -11.90
CA SER B 304 -10.28 24.88 -13.11
C SER B 304 -10.62 26.36 -13.26
N LYS B 305 -11.21 26.70 -14.42
CA LYS B 305 -11.76 28.04 -14.64
C LYS B 305 -13.09 28.09 -13.90
N ASP B 306 -13.67 29.29 -13.70
CA ASP B 306 -14.97 29.38 -13.00
C ASP B 306 -16.10 28.93 -13.91
N PHE B 307 -17.01 28.09 -13.38
CA PHE B 307 -18.19 27.61 -14.11
C PHE B 307 -19.44 28.20 -13.48
N PHE B 308 -20.49 28.39 -14.29
CA PHE B 308 -21.75 29.00 -13.83
C PHE B 308 -22.98 28.25 -14.33
N PHE B 309 -24.04 28.26 -13.51
CA PHE B 309 -25.36 27.67 -13.80
C PHE B 309 -26.42 28.43 -13.00
N GLU B 310 -27.68 28.40 -13.48
CA GLU B 310 -28.81 29.11 -12.88
C GLU B 310 -29.67 28.26 -11.96
N VAL B 311 -30.06 28.86 -10.83
CA VAL B 311 -30.99 28.29 -9.87
C VAL B 311 -32.38 28.33 -10.54
N GLY B 312 -33.13 27.25 -10.36
CA GLY B 312 -34.50 27.11 -10.85
C GLY B 312 -35.51 27.34 -9.74
N ILE B 313 -36.80 27.04 -10.04
CA ILE B 313 -37.89 27.25 -9.08
C ILE B 313 -38.15 26.00 -8.22
N ASP B 314 -38.41 24.84 -8.88
CA ASP B 314 -38.76 23.50 -8.36
C ASP B 314 -40.17 23.18 -8.81
N LYS B 316 -43.15 22.58 -8.48
CA LYS B 316 -43.21 21.38 -7.64
C LYS B 316 -43.58 21.78 -6.19
N VAL B 317 -42.83 22.74 -5.60
CA VAL B 317 -43.17 23.27 -4.27
C VAL B 317 -44.36 24.21 -4.54
N GLU B 318 -45.47 24.06 -3.79
CA GLU B 318 -46.66 24.91 -3.97
C GLU B 318 -46.36 26.36 -3.61
N ALA B 319 -46.90 27.31 -4.41
CA ALA B 319 -46.81 28.77 -4.22
C ALA B 319 -47.43 29.22 -2.90
N GLU C 20 30.23 19.20 -0.51
CA GLU C 20 31.18 19.25 0.62
C GLU C 20 30.49 19.51 1.96
N LEU C 21 29.20 19.93 1.92
CA LEU C 21 28.38 20.28 3.08
C LEU C 21 27.42 19.13 3.46
N PRO C 22 27.10 18.89 4.76
CA PRO C 22 26.14 17.82 5.04
C PRO C 22 24.72 18.23 4.62
N ASP C 23 23.90 17.27 4.19
CA ASP C 23 22.52 17.54 3.75
C ASP C 23 21.58 17.94 4.92
N ASP C 24 20.65 18.86 4.67
CA ASP C 24 19.60 19.23 5.66
C ASP C 24 18.55 18.12 5.65
N LEU C 25 18.36 17.46 6.79
CA LEU C 25 17.44 16.33 6.84
C LEU C 25 16.05 16.72 7.41
N MET C 26 15.77 18.02 7.51
CA MET C 26 14.46 18.47 8.03
C MET C 26 13.40 18.31 6.94
N ASN C 27 12.22 17.84 7.33
CA ASN C 27 11.08 17.67 6.43
C ASN C 27 9.95 18.62 6.89
N PHE C 28 10.14 19.93 6.62
CA PHE C 28 9.23 21.01 7.01
C PHE C 28 8.84 21.82 5.79
N LYS C 29 7.60 21.62 5.30
CA LYS C 29 7.09 22.33 4.12
C LYS C 29 6.09 23.44 4.52
N GLY C 30 5.81 23.57 5.81
CA GLY C 30 4.94 24.62 6.35
C GLY C 30 3.48 24.46 6.05
N THR C 31 2.90 23.31 6.42
CA THR C 31 1.48 23.06 6.17
C THR C 31 0.88 22.20 7.25
N TRP C 32 -0.41 22.44 7.55
CA TRP C 32 -1.19 21.64 8.48
C TRP C 32 -1.88 20.46 7.73
N GLU C 33 -1.95 20.50 6.37
CA GLU C 33 -2.54 19.44 5.53
C GLU C 33 -1.85 18.12 5.81
N VAL C 34 -2.53 17.30 6.61
CA VAL C 34 -2.13 16.05 7.20
C VAL C 34 -1.40 15.09 6.20
N SER C 35 -1.92 14.87 4.97
CA SER C 35 -1.30 13.97 3.98
C SER C 35 -0.20 14.62 3.13
N ALA C 36 -0.09 15.97 3.13
CA ALA C 36 0.91 16.67 2.32
C ALA C 36 2.32 16.33 2.78
N ASP C 37 3.28 16.33 1.83
CA ASP C 37 4.71 16.09 2.08
C ASP C 37 5.22 17.17 3.04
N GLY C 38 5.95 16.77 4.08
CA GLY C 38 6.53 17.71 5.04
C GLY C 38 5.55 18.48 5.92
N SER C 39 4.34 17.94 6.12
CA SER C 39 3.35 18.55 7.02
C SER C 39 3.83 18.35 8.46
N SER C 40 3.36 19.20 9.39
CA SER C 40 3.76 19.14 10.78
C SER C 40 2.61 18.75 11.70
N GLY C 41 2.93 18.04 12.77
CA GLY C 41 1.97 17.65 13.79
C GLY C 41 1.59 18.81 14.70
N ARG C 42 0.35 18.77 15.23
CA ARG C 42 -0.27 19.79 16.11
C ARG C 42 -0.99 19.07 17.22
N PHE C 43 -0.65 19.35 18.48
CA PHE C 43 -1.20 18.61 19.62
C PHE C 43 -1.49 19.51 20.81
N PHE C 44 -2.23 18.96 21.79
CA PHE C 44 -2.53 19.67 23.02
C PHE C 44 -2.63 18.71 24.20
N SER C 45 -2.42 19.25 25.40
CA SER C 45 -2.51 18.48 26.65
C SER C 45 -3.33 19.27 27.67
N LYS C 46 -4.58 18.81 27.92
CA LYS C 46 -5.45 19.41 28.93
C LYS C 46 -4.83 19.14 30.28
N GLY C 47 -4.59 20.20 31.05
CA GLY C 47 -3.95 20.09 32.35
C GLY C 47 -2.43 19.99 32.29
N ALA C 48 -1.85 20.10 31.07
CA ALA C 48 -0.39 20.02 30.80
C ALA C 48 0.21 18.76 31.46
N THR C 49 -0.20 17.58 30.94
CA THR C 49 0.27 16.29 31.44
C THR C 49 1.33 15.75 30.46
N ASP C 50 1.75 14.50 30.65
CA ASP C 50 2.69 13.83 29.78
C ASP C 50 2.04 13.49 28.42
N SER C 51 0.69 13.31 28.39
CA SER C 51 -0.07 12.87 27.23
C SER C 51 -0.67 14.00 26.38
N TYR C 52 -0.52 13.85 25.05
CA TYR C 52 -0.97 14.80 24.04
C TYR C 52 -1.83 14.12 22.99
N VAL C 53 -2.92 14.78 22.59
CA VAL C 53 -3.84 14.32 21.54
C VAL C 53 -3.83 15.35 20.42
N PHE C 54 -4.26 14.97 19.20
CA PHE C 54 -4.23 15.81 18.00
C PHE C 54 -5.08 17.07 18.18
N HIS C 55 -4.53 18.24 17.81
CA HIS C 55 -5.18 19.57 17.92
C HIS C 55 -5.94 19.87 16.65
N LEU C 56 -7.24 19.50 16.59
CA LEU C 56 -8.07 19.71 15.41
C LEU C 56 -8.38 21.20 15.20
N ILE C 57 -8.50 21.57 13.93
CA ILE C 57 -8.82 22.90 13.43
C ILE C 57 -9.97 22.73 12.39
N PRO C 58 -10.85 23.75 12.14
CA PRO C 58 -11.95 23.55 11.17
C PRO C 58 -11.46 23.06 9.80
N ALA C 59 -11.98 21.87 9.39
CA ALA C 59 -11.64 21.12 8.16
C ALA C 59 -11.49 21.99 6.93
N LYS C 60 -12.41 22.94 6.74
CA LYS C 60 -12.43 23.86 5.60
C LYS C 60 -11.28 24.88 5.61
N ASP C 61 -10.62 25.09 6.76
CA ASP C 61 -9.56 26.09 6.90
C ASP C 61 -8.11 25.51 7.02
N VAL C 62 -7.92 24.18 6.94
CA VAL C 62 -6.60 23.54 7.11
C VAL C 62 -5.49 24.23 6.28
N LYS C 63 -5.75 24.58 5.01
CA LYS C 63 -4.75 25.20 4.13
C LYS C 63 -4.72 26.73 4.20
N LYS C 64 -5.63 27.33 4.99
CA LYS C 64 -5.70 28.78 5.13
C LYS C 64 -4.53 29.37 5.94
N PRO C 65 -3.87 30.42 5.40
CA PRO C 65 -2.78 31.08 6.16
C PRO C 65 -3.35 31.84 7.35
N GLY C 66 -2.50 32.06 8.37
CA GLY C 66 -2.90 32.77 9.57
C GLY C 66 -3.22 31.88 10.76
N TRP C 67 -3.76 32.50 11.82
CA TRP C 67 -4.09 31.83 13.07
C TRP C 67 -5.38 30.96 12.98
N ARG C 68 -5.20 29.65 13.21
CA ARG C 68 -6.23 28.62 13.12
C ARG C 68 -6.64 28.23 14.51
N GLU C 69 -7.92 28.42 14.85
CA GLU C 69 -8.47 28.13 16.17
C GLU C 69 -8.50 26.63 16.47
N HIS C 70 -8.44 26.30 17.77
CA HIS C 70 -8.65 24.92 18.23
C HIS C 70 -10.13 24.65 18.00
N ASN C 71 -10.46 23.75 17.03
CA ASN C 71 -11.83 23.46 16.60
C ASN C 71 -12.85 23.50 17.74
N GLU C 72 -13.84 24.44 17.61
CA GLU C 72 -14.97 24.71 18.52
C GLU C 72 -14.60 25.38 19.87
N VAL C 73 -13.57 24.87 20.59
CA VAL C 73 -13.18 25.36 21.92
C VAL C 73 -12.45 26.76 21.85
N LYS C 74 -11.58 27.00 20.82
CA LYS C 74 -10.89 28.29 20.58
C LYS C 74 -10.06 28.81 21.82
N ASP C 75 -9.46 27.89 22.60
CA ASP C 75 -8.62 28.27 23.74
C ASP C 75 -7.20 28.57 23.24
N SER C 76 -6.78 27.89 22.16
CA SER C 76 -5.49 28.10 21.50
C SER C 76 -5.67 28.27 19.99
N TYR C 77 -4.81 29.09 19.39
CA TYR C 77 -4.73 29.29 17.94
C TYR C 77 -3.33 28.86 17.51
N ILE C 78 -3.19 28.36 16.28
CA ILE C 78 -1.89 27.88 15.77
C ILE C 78 -1.63 28.49 14.40
N LYS C 79 -0.35 28.74 14.06
CA LYS C 79 -0.01 29.37 12.78
C LYS C 79 1.27 28.75 12.19
N ILE C 80 1.25 28.45 10.89
CA ILE C 80 2.37 27.84 10.17
C ILE C 80 2.57 28.57 8.84
N ASP C 81 3.82 28.63 8.40
CA ASP C 81 4.21 29.16 7.09
C ASP C 81 5.53 28.43 6.70
N LYS C 82 6.12 28.72 5.53
CA LYS C 82 7.31 27.97 5.11
C LYS C 82 8.57 28.22 5.99
N GLN C 83 8.57 29.22 6.91
CA GLN C 83 9.73 29.48 7.78
C GLN C 83 9.46 29.27 9.28
N SER C 84 8.19 29.33 9.72
CA SER C 84 7.86 29.36 11.14
C SER C 84 6.62 28.55 11.54
N ILE C 85 6.52 28.28 12.86
CA ILE C 85 5.43 27.57 13.51
C ILE C 85 5.18 28.30 14.86
N ALA C 86 3.90 28.61 15.16
CA ALA C 86 3.60 29.43 16.33
C ALA C 86 2.30 29.04 17.03
N ALA C 87 2.25 29.28 18.34
CA ALA C 87 1.06 29.02 19.16
C ALA C 87 0.60 30.32 19.85
N ARG C 88 -0.71 30.45 20.05
CA ARG C 88 -1.34 31.57 20.75
C ARG C 88 -2.28 31.04 21.81
N TYR C 89 -2.13 31.52 23.06
CA TYR C 89 -2.97 31.17 24.21
C TYR C 89 -3.90 32.34 24.48
N LYS C 90 -5.21 32.06 24.39
CA LYS C 90 -6.28 33.06 24.58
C LYS C 90 -6.63 33.15 26.05
N THR C 91 -7.38 34.20 26.47
CA THR C 91 -7.89 34.37 27.85
C THR C 91 -8.87 33.22 28.20
N SER C 92 -9.52 32.61 27.19
CA SER C 92 -10.49 31.52 27.37
C SER C 92 -9.83 30.19 27.82
N THR C 93 -8.47 30.07 27.72
CA THR C 93 -7.71 28.88 28.12
C THR C 93 -7.95 28.53 29.59
N THR C 94 -8.15 27.22 29.88
CA THR C 94 -8.22 26.71 31.25
C THR C 94 -6.82 26.21 31.58
N ALA C 95 -6.14 26.92 32.48
CA ALA C 95 -4.76 26.61 32.85
C ALA C 95 -4.71 25.51 33.94
N PRO C 96 -3.67 24.63 34.00
CA PRO C 96 -2.50 24.51 33.09
C PRO C 96 -2.93 23.93 31.75
N TYR C 97 -2.30 24.41 30.67
CA TYR C 97 -2.63 23.95 29.32
C TYR C 97 -1.39 24.01 28.43
N SER C 98 -1.21 23.01 27.54
CA SER C 98 -0.03 22.94 26.67
C SER C 98 -0.32 22.57 25.21
N VAL C 99 0.27 23.35 24.28
CA VAL C 99 0.21 23.10 22.84
C VAL C 99 1.59 22.58 22.43
N ALA C 100 1.65 21.51 21.61
CA ALA C 100 2.91 20.98 21.12
C ALA C 100 2.90 20.77 19.60
N PHE C 101 4.03 21.04 18.96
CA PHE C 101 4.20 20.80 17.53
C PHE C 101 5.23 19.73 17.27
N LYS C 102 5.08 18.98 16.19
CA LYS C 102 6.06 17.96 15.75
C LYS C 102 6.52 18.36 14.36
N VAL C 103 7.82 18.64 14.22
CA VAL C 103 8.43 18.98 12.94
C VAL C 103 9.27 17.75 12.57
N ASN C 104 8.85 17.03 11.51
CA ASN C 104 9.46 15.77 11.09
C ASN C 104 10.81 15.92 10.38
N THR C 105 11.61 14.88 10.53
CA THR C 105 12.89 14.75 9.85
C THR C 105 12.70 13.72 8.73
N LYS C 106 13.71 13.59 7.87
CA LYS C 106 13.78 12.54 6.87
C LYS C 106 14.29 11.29 7.62
N SER C 107 14.44 10.16 6.92
CA SER C 107 14.87 8.93 7.57
C SER C 107 16.30 9.08 8.14
N LEU C 108 16.44 8.88 9.47
CA LEU C 108 17.74 8.97 10.13
C LEU C 108 18.39 7.59 10.25
N ILE C 109 19.71 7.54 10.45
CA ILE C 109 20.47 6.30 10.61
C ILE C 109 20.58 6.00 12.10
N LYS C 110 20.42 4.72 12.48
CA LYS C 110 20.51 4.27 13.87
C LYS C 110 21.91 4.51 14.43
N ASP C 111 21.99 5.04 15.67
CA ASP C 111 23.23 5.27 16.43
C ASP C 111 24.12 6.37 15.78
N HIS C 112 23.52 7.26 14.98
CA HIS C 112 24.19 8.45 14.42
C HIS C 112 23.89 9.67 15.30
N ASP C 113 24.77 10.68 15.26
CA ASP C 113 24.60 11.90 16.03
C ASP C 113 24.10 13.01 15.13
N TYR C 114 23.11 13.77 15.60
CA TYR C 114 22.49 14.83 14.81
C TYR C 114 22.51 16.15 15.53
N LYS C 115 22.50 17.23 14.73
CA LYS C 115 22.51 18.60 15.22
C LYS C 115 21.33 19.37 14.63
N ILE C 116 20.37 19.73 15.53
CA ILE C 116 19.22 20.55 15.21
C ILE C 116 19.55 21.99 15.53
N THR C 117 19.35 22.90 14.55
CA THR C 117 19.45 24.34 14.78
C THR C 117 18.11 24.97 14.42
N PHE C 118 17.70 25.97 15.19
CA PHE C 118 16.49 26.75 14.98
C PHE C 118 16.57 28.04 15.77
N GLU C 119 15.68 28.97 15.47
CA GLU C 119 15.61 30.20 16.21
C GLU C 119 14.39 30.22 17.11
N GLN C 120 14.63 30.49 18.39
CA GLN C 120 13.56 30.70 19.34
C GLN C 120 13.11 32.14 19.17
N GLY C 121 11.93 32.33 18.60
CA GLY C 121 11.32 33.64 18.40
C GLY C 121 10.66 34.09 19.68
N GLN C 122 9.72 35.05 19.57
CA GLN C 122 9.02 35.64 20.71
C GLN C 122 8.44 34.59 21.68
N ILE C 123 8.63 34.84 22.97
CA ILE C 123 8.05 34.05 24.05
C ILE C 123 7.28 35.04 24.93
N ALA C 124 5.96 34.95 24.95
CA ALA C 124 5.17 35.85 25.79
C ALA C 124 5.46 35.57 27.28
N SER C 125 5.38 36.60 28.10
CA SER C 125 5.45 36.50 29.56
C SER C 125 4.32 35.55 30.01
N GLY C 126 4.66 34.55 30.81
CA GLY C 126 3.69 33.55 31.26
C GLY C 126 3.80 32.22 30.54
N ILE C 127 4.52 32.21 29.38
CA ILE C 127 4.77 31.00 28.58
C ILE C 127 6.15 30.41 28.94
N THR C 128 6.17 29.10 29.26
CA THR C 128 7.38 28.30 29.46
C THR C 128 7.42 27.35 28.27
N VAL C 129 8.63 26.98 27.88
CA VAL C 129 8.94 26.25 26.66
C VAL C 129 9.84 25.04 26.94
N ASP C 130 9.61 23.96 26.20
CA ASP C 130 10.41 22.73 26.24
C ASP C 130 10.70 22.27 24.82
N TYR C 131 11.86 21.65 24.63
CA TYR C 131 12.30 21.05 23.37
C TYR C 131 12.61 19.58 23.59
N ARG C 132 11.97 18.68 22.83
CA ARG C 132 12.13 17.23 22.94
C ARG C 132 12.28 16.55 21.59
N ILE C 133 12.76 15.31 21.60
CA ILE C 133 12.83 14.46 20.42
C ILE C 133 11.67 13.48 20.53
N GLY C 134 11.03 13.15 19.42
CA GLY C 134 9.93 12.19 19.47
C GLY C 134 9.83 11.37 18.21
N SER C 135 8.78 10.53 18.13
CA SER C 135 8.48 9.76 16.93
C SER C 135 8.03 10.74 15.89
N ALA C 136 8.10 10.37 14.61
CA ALA C 136 7.60 11.24 13.55
C ALA C 136 6.10 11.38 13.66
N PHE C 137 5.57 12.55 13.28
CA PHE C 137 4.13 12.75 13.19
C PHE C 137 3.66 11.74 12.11
N ASN C 138 2.69 10.86 12.44
CA ASN C 138 2.29 9.77 11.53
C ASN C 138 1.35 10.19 10.37
N LYS C 139 1.10 11.50 10.19
CA LYS C 139 0.31 12.07 9.08
C LYS C 139 -1.17 11.62 9.11
N THR C 140 -1.77 11.58 10.30
CA THR C 140 -3.19 11.26 10.52
C THR C 140 -3.73 12.22 11.59
N THR C 141 -5.07 12.46 11.61
CA THR C 141 -5.70 13.32 12.63
C THR C 141 -5.92 12.52 13.91
N ASP C 142 -5.49 11.25 13.91
CA ASP C 142 -5.60 10.32 15.05
C ASP C 142 -4.29 10.22 15.85
N ASP C 143 -3.21 10.89 15.37
CA ASP C 143 -1.89 10.84 16.01
C ASP C 143 -1.92 11.39 17.42
N SER C 144 -1.06 10.81 18.28
CA SER C 144 -0.91 11.14 19.70
C SER C 144 0.52 10.83 20.15
N PHE C 145 0.93 11.32 21.32
CA PHE C 145 2.27 11.06 21.87
C PHE C 145 2.32 11.38 23.34
N LYS C 146 3.34 10.87 24.01
CA LYS C 146 3.67 11.20 25.38
C LYS C 146 5.07 11.82 25.37
N ILE C 147 5.35 12.84 26.22
CA ILE C 147 6.68 13.48 26.29
C ILE C 147 7.73 12.42 26.61
N SER C 148 7.43 11.53 27.58
CA SER C 148 8.29 10.45 28.08
C SER C 148 8.66 9.41 27.00
N ASP C 149 8.01 9.43 25.81
CA ASP C 149 8.35 8.55 24.69
C ASP C 149 9.75 8.87 24.13
N GLU C 150 10.32 10.08 24.48
CA GLU C 150 11.62 10.55 24.01
C GLU C 150 12.72 9.50 24.17
N SER C 151 12.78 8.83 25.35
CA SER C 151 13.77 7.82 25.71
C SER C 151 13.74 6.58 24.79
N LYS C 152 12.66 6.35 24.02
CA LYS C 152 12.59 5.24 23.05
C LYS C 152 13.32 5.58 21.75
N TYR C 153 13.41 6.87 21.42
CA TYR C 153 13.96 7.33 20.15
C TYR C 153 15.33 7.95 20.21
N ALA C 154 15.66 8.65 21.28
CA ALA C 154 16.91 9.37 21.36
C ALA C 154 17.60 9.24 22.72
N SER C 155 18.91 9.32 22.70
CA SER C 155 19.74 9.30 23.89
C SER C 155 20.66 10.50 23.84
N ASN C 156 21.28 10.87 24.99
CA ASN C 156 22.23 11.99 25.10
C ASN C 156 21.67 13.29 24.47
N VAL C 157 20.38 13.59 24.73
CA VAL C 157 19.73 14.78 24.21
C VAL C 157 20.27 15.96 24.99
N LYS C 158 20.77 16.99 24.28
CA LYS C 158 21.34 18.15 24.92
C LYS C 158 20.99 19.44 24.16
N ILE C 159 20.28 20.37 24.81
CA ILE C 159 20.06 21.72 24.31
C ILE C 159 21.35 22.47 24.73
N GLU C 160 22.11 23.02 23.77
CA GLU C 160 23.38 23.71 24.05
C GLU C 160 23.19 24.79 25.14
N GLY C 161 23.87 24.58 26.26
CA GLY C 161 23.85 25.46 27.43
C GLY C 161 22.55 25.59 28.20
N GLU C 162 21.58 24.68 27.95
CA GLU C 162 20.27 24.72 28.59
C GLU C 162 19.81 23.37 29.08
N GLU C 163 18.71 23.39 29.83
CA GLU C 163 18.08 22.23 30.45
C GLU C 163 16.76 21.89 29.76
N GLN C 164 16.41 20.60 29.73
CA GLN C 164 15.10 20.24 29.18
C GLN C 164 14.02 20.44 30.26
N GLY C 165 12.77 20.37 29.86
CA GLY C 165 11.64 20.63 30.74
C GLY C 165 11.12 22.03 30.46
N PHE C 166 9.87 22.31 30.89
CA PHE C 166 9.24 23.60 30.68
C PHE C 166 9.93 24.69 31.50
N LYS C 167 10.53 25.67 30.81
CA LYS C 167 11.31 26.75 31.42
C LYS C 167 11.15 28.05 30.72
N GLN C 168 11.56 29.10 31.43
CA GLN C 168 11.76 30.42 30.88
C GLN C 168 13.05 30.28 30.06
N ARG C 169 13.05 30.73 28.83
CA ARG C 169 14.22 30.61 27.96
C ARG C 169 14.56 31.93 27.29
N GLU C 170 15.82 32.15 26.99
CA GLU C 170 16.23 33.31 26.21
C GLU C 170 15.78 33.11 24.76
N GLN C 171 15.53 34.19 24.04
CA GLN C 171 15.18 34.09 22.63
C GLN C 171 16.48 34.09 21.85
N GLY C 172 16.45 33.60 20.64
CA GLY C 172 17.66 33.52 19.82
C GLY C 172 17.93 32.14 19.27
N ASP C 173 19.15 31.95 18.74
CA ASP C 173 19.63 30.71 18.16
C ASP C 173 19.65 29.58 19.19
N LYS C 174 19.13 28.45 18.82
CA LYS C 174 19.15 27.27 19.66
C LYS C 174 19.83 26.13 18.92
N THR C 175 20.49 25.24 19.69
CA THR C 175 21.16 24.06 19.17
C THR C 175 20.74 22.90 20.05
N ILE C 176 20.23 21.83 19.43
CA ILE C 176 19.89 20.59 20.14
C ILE C 176 20.64 19.47 19.44
N SER C 177 21.39 18.69 20.22
CA SER C 177 22.12 17.54 19.71
C SER C 177 21.59 16.26 20.38
N PHE C 178 21.64 15.13 19.68
CA PHE C 178 21.13 13.84 20.17
C PHE C 178 21.63 12.67 19.36
N ARG C 179 21.48 11.46 19.91
CA ARG C 179 21.86 10.21 19.25
C ARG C 179 20.62 9.36 19.06
N THR C 180 20.40 8.85 17.85
CA THR C 180 19.24 8.01 17.52
C THR C 180 19.37 6.60 18.10
N LEU C 181 18.25 6.02 18.55
CA LEU C 181 18.23 4.66 19.09
C LEU C 181 17.60 3.72 18.06
N LYS C 182 17.05 4.31 16.99
CA LYS C 182 16.38 3.64 15.88
C LYS C 182 16.74 4.29 14.56
N GLU C 183 16.42 3.59 13.47
CA GLU C 183 16.53 4.08 12.12
C GLU C 183 15.14 4.60 11.71
N GLY C 184 15.08 5.56 10.81
CA GLY C 184 13.81 6.09 10.32
C GLY C 184 13.53 7.51 10.73
N PRO C 185 12.36 8.03 10.29
CA PRO C 185 11.99 9.43 10.61
C PRO C 185 11.69 9.68 12.08
N MET C 186 12.01 10.88 12.54
CA MET C 186 11.73 11.30 13.90
C MET C 186 11.17 12.70 13.87
N SER C 187 10.96 13.32 15.00
CA SER C 187 10.48 14.70 15.00
C SER C 187 11.16 15.53 16.06
N LEU C 188 11.25 16.84 15.79
CA LEU C 188 11.61 17.84 16.77
C LEU C 188 10.27 18.23 17.41
N VAL C 189 10.17 18.10 18.73
CA VAL C 189 8.93 18.43 19.46
C VAL C 189 9.11 19.82 20.10
N LEU C 190 8.27 20.77 19.68
CA LEU C 190 8.30 22.16 20.16
C LEU C 190 7.11 22.37 21.08
N LEU C 191 7.37 22.35 22.40
CA LEU C 191 6.33 22.42 23.41
C LEU C 191 6.33 23.73 24.14
N SER C 192 5.13 24.21 24.44
CA SER C 192 4.94 25.42 25.24
C SER C 192 3.73 25.22 26.14
N LYS C 193 3.66 25.98 27.23
CA LYS C 193 2.55 25.85 28.15
C LYS C 193 2.31 27.13 28.94
N VAL C 194 1.07 27.25 29.46
CA VAL C 194 0.69 28.33 30.37
C VAL C 194 0.27 27.67 31.69
N GLU C 195 0.72 28.21 32.81
CA GLU C 195 0.44 27.70 34.16
C GLU C 195 -0.75 28.44 34.82
N LYS C 196 -1.04 29.66 34.35
CA LYS C 196 -2.15 30.45 34.88
C LYS C 196 -2.93 30.98 33.71
N LYS C 197 -4.19 31.35 33.95
CA LYS C 197 -5.06 31.81 32.89
C LYS C 197 -4.50 33.07 32.24
N PRO C 198 -4.36 33.09 30.89
CA PRO C 198 -3.84 34.31 30.24
C PRO C 198 -4.76 35.53 30.42
N GLN C 199 -4.14 36.72 30.56
CA GLN C 199 -4.80 38.02 30.73
C GLN C 199 -4.95 38.74 29.36
N GLY C 200 -4.34 38.16 28.34
CA GLY C 200 -4.37 38.60 26.95
C GLY C 200 -3.83 37.50 26.05
N ASP C 201 -3.80 37.73 24.72
CA ASP C 201 -3.26 36.77 23.74
C ASP C 201 -1.78 36.55 24.01
N LEU C 202 -1.35 35.30 24.28
CA LEU C 202 0.07 35.04 24.56
C LEU C 202 0.66 34.21 23.42
N ASP C 203 1.58 34.81 22.65
CA ASP C 203 2.19 34.17 21.49
C ASP C 203 3.61 33.64 21.71
N VAL C 204 3.90 32.48 21.09
CA VAL C 204 5.20 31.85 21.09
C VAL C 204 5.50 31.39 19.66
N GLU C 205 6.70 31.71 19.16
CA GLU C 205 7.06 31.38 17.78
C GLU C 205 8.42 30.69 17.70
N PHE C 206 8.55 29.77 16.75
CA PHE C 206 9.77 29.01 16.47
C PHE C 206 10.03 29.11 14.98
N LYS C 207 11.30 29.21 14.54
CA LYS C 207 11.53 29.31 13.10
C LYS C 207 12.90 28.80 12.66
N ASN C 208 13.09 28.74 11.33
CA ASN C 208 14.34 28.40 10.63
C ASN C 208 14.93 27.10 11.17
N LEU C 209 14.14 26.03 11.00
CA LEU C 209 14.43 24.68 11.49
CA LEU C 209 14.44 24.69 11.49
C LEU C 209 15.32 23.92 10.49
N LYS C 210 16.42 23.37 11.00
CA LYS C 210 17.42 22.60 10.24
C LYS C 210 17.95 21.45 11.11
N ILE C 211 18.34 20.34 10.48
CA ILE C 211 18.95 19.18 11.15
C ILE C 211 20.02 18.60 10.20
N ILE C 212 21.22 18.36 10.75
CA ILE C 212 22.33 17.76 10.00
C ILE C 212 22.92 16.60 10.79
N ASP C 213 23.58 15.67 10.10
CA ASP C 213 24.32 14.56 10.69
C ASP C 213 25.68 15.13 11.15
N VAL C 214 26.05 14.93 12.43
CA VAL C 214 27.34 15.41 12.99
C VAL C 214 28.18 14.22 13.54
N THR C 215 27.86 12.99 13.07
CA THR C 215 28.55 11.76 13.50
C THR C 215 30.06 11.81 13.23
N ASN C 216 30.85 11.53 14.26
CA ASN C 216 32.29 11.45 14.15
C ASN C 216 32.69 10.11 13.50
N PRO C 217 33.65 10.08 12.55
CA PRO C 217 34.06 8.80 11.95
C PRO C 217 34.73 7.88 13.00
N SER C 218 34.71 6.56 12.72
CA SER C 218 35.37 5.57 13.56
C SER C 218 36.91 5.72 13.47
N GLN C 219 37.61 4.99 14.32
CA GLN C 219 39.08 4.94 14.35
C GLN C 219 39.52 3.52 14.04
N LEU C 220 40.70 3.37 13.42
CA LEU C 220 41.24 2.05 13.16
C LEU C 220 41.87 1.53 14.45
N ASP C 221 41.34 0.43 15.00
CA ASP C 221 41.93 -0.18 16.19
C ASP C 221 43.15 -1.00 15.74
N LYS C 222 42.97 -1.85 14.69
CA LYS C 222 44.04 -2.67 14.14
C LYS C 222 43.70 -3.07 12.71
N GLY C 223 44.74 -3.36 11.95
CA GLY C 223 44.65 -3.81 10.57
C GLY C 223 45.49 -5.03 10.36
N VAL C 224 45.01 -5.99 9.53
CA VAL C 224 45.76 -7.20 9.23
C VAL C 224 45.80 -7.38 7.70
N ALA C 225 47.03 -7.51 7.15
CA ALA C 225 47.25 -7.78 5.73
C ALA C 225 48.49 -8.65 5.53
N TYR C 226 48.47 -9.52 4.51
CA TYR C 226 49.59 -10.42 4.19
C TYR C 226 49.89 -10.38 2.71
N VAL C 227 51.19 -10.43 2.37
CA VAL C 227 51.71 -10.45 1.00
C VAL C 227 51.03 -11.61 0.22
N GLY C 228 50.46 -11.30 -0.93
CA GLY C 228 49.76 -12.28 -1.77
C GLY C 228 48.37 -12.71 -1.32
N ASN C 229 47.85 -12.13 -0.21
CA ASN C 229 46.51 -12.44 0.31
C ASN C 229 45.57 -11.26 -0.02
N LYS C 230 44.47 -11.56 -0.76
CA LYS C 230 43.49 -10.56 -1.20
C LYS C 230 42.63 -10.04 -0.06
N ASN C 231 42.59 -10.76 1.08
CA ASN C 231 41.76 -10.40 2.23
C ASN C 231 42.49 -9.53 3.26
N VAL C 232 42.01 -8.28 3.41
CA VAL C 232 42.52 -7.31 4.39
C VAL C 232 41.46 -7.15 5.46
N GLN C 233 41.82 -7.38 6.73
CA GLN C 233 40.88 -7.32 7.85
C GLN C 233 41.13 -6.08 8.69
N LEU C 234 40.10 -5.20 8.82
CA LEU C 234 40.21 -3.97 9.61
C LEU C 234 39.26 -3.97 10.79
N THR C 235 39.76 -3.65 11.96
CA THR C 235 39.00 -3.55 13.20
C THR C 235 38.77 -2.09 13.53
N LEU C 236 37.50 -1.69 13.67
CA LEU C 236 37.10 -0.31 13.97
C LEU C 236 36.75 -0.11 15.43
N LYS C 237 37.02 1.11 15.94
CA LYS C 237 36.64 1.49 17.30
C LYS C 237 36.06 2.92 17.29
N SER C 238 35.51 3.34 18.44
CA SER C 238 34.95 4.68 18.63
CA SER C 238 34.96 4.68 18.62
C SER C 238 35.32 5.24 19.99
N ASP C 239 35.55 6.55 20.06
CA ASP C 239 35.88 7.29 21.29
C ASP C 239 34.62 7.87 21.97
N ASP C 240 33.47 7.93 21.25
CA ASP C 240 32.24 8.51 21.80
C ASP C 240 31.08 7.50 22.02
N GLY C 241 31.39 6.21 22.12
CA GLY C 241 30.40 5.17 22.38
C GLY C 241 29.59 4.65 21.20
N ARG C 242 29.84 5.18 19.98
CA ARG C 242 29.16 4.73 18.76
C ARG C 242 29.51 3.27 18.45
N THR C 243 28.52 2.45 18.10
CA THR C 243 28.71 1.03 17.79
C THR C 243 28.30 0.73 16.34
N ASN C 244 27.38 1.52 15.75
CA ASN C 244 26.98 1.32 14.36
C ASN C 244 27.83 2.21 13.46
N PHE C 245 28.80 1.59 12.77
CA PHE C 245 29.75 2.29 11.92
C PHE C 245 29.22 2.48 10.50
N GLU C 246 27.92 2.21 10.29
CA GLU C 246 27.21 2.42 9.02
C GLU C 246 27.52 3.81 8.43
N GLY C 247 27.90 3.84 7.16
CA GLY C 247 28.21 5.07 6.44
C GLY C 247 29.67 5.50 6.49
N ASP C 248 30.51 4.78 7.25
CA ASP C 248 31.93 5.13 7.29
C ASP C 248 32.63 4.57 6.06
N GLU C 249 33.23 5.49 5.31
CA GLU C 249 33.97 5.24 4.06
C GLU C 249 35.41 5.00 4.40
N ILE C 250 35.86 3.75 4.30
CA ILE C 250 37.24 3.36 4.65
C ILE C 250 38.08 3.30 3.38
N SER C 251 39.14 4.13 3.32
CA SER C 251 40.05 4.12 2.19
C SER C 251 41.38 3.51 2.61
N LEU C 252 41.86 2.52 1.83
CA LEU C 252 43.11 1.80 2.10
C LEU C 252 44.12 2.15 1.05
N PHE C 253 45.29 2.65 1.48
CA PHE C 253 46.39 3.09 0.61
C PHE C 253 47.66 2.30 0.87
N ASN C 254 48.52 2.16 -0.15
CA ASN C 254 49.83 1.56 0.00
C ASN C 254 50.82 2.66 0.52
N SER C 255 52.08 2.30 0.85
CA SER C 255 53.07 3.24 1.41
C SER C 255 53.47 4.37 0.44
N ARG C 256 53.10 4.25 -0.86
CA ARG C 256 53.41 5.25 -1.88
C ARG C 256 52.22 6.20 -2.10
N GLY C 257 51.23 6.13 -1.18
CA GLY C 257 50.04 6.98 -1.18
C GLY C 257 49.03 6.66 -2.25
N GLU C 258 49.15 5.49 -2.88
CA GLU C 258 48.22 5.07 -3.93
C GLU C 258 47.02 4.37 -3.30
N LEU C 259 45.81 4.73 -3.75
CA LEU C 259 44.57 4.12 -3.25
C LEU C 259 44.40 2.69 -3.76
N LEU C 260 44.30 1.75 -2.85
CA LEU C 260 44.06 0.35 -3.20
C LEU C 260 42.56 0.10 -3.32
N GLN C 261 41.79 0.33 -2.24
CA GLN C 261 40.34 0.11 -2.20
C GLN C 261 39.64 1.06 -1.23
N THR C 262 38.35 1.30 -1.49
CA THR C 262 37.44 2.06 -0.63
C THR C 262 36.21 1.17 -0.41
N VAL C 263 35.82 0.98 0.86
CA VAL C 263 34.60 0.24 1.23
C VAL C 263 33.75 1.15 2.13
N THR C 264 32.41 0.97 2.10
CA THR C 264 31.48 1.70 2.97
C THR C 264 30.84 0.66 3.91
N VAL C 265 30.95 0.90 5.22
CA VAL C 265 30.40 0.03 6.27
C VAL C 265 28.86 0.03 6.20
N THR C 266 28.26 -1.17 6.37
CA THR C 266 26.80 -1.35 6.34
C THR C 266 26.24 -1.37 7.77
N LYS C 267 24.92 -1.42 7.90
CA LYS C 267 24.18 -1.38 9.15
C LYS C 267 24.62 -2.49 10.14
N ASP C 268 25.12 -2.05 11.30
CA ASP C 268 25.62 -2.86 12.41
C ASP C 268 26.64 -3.92 11.95
N GLN C 269 27.43 -3.59 10.91
CA GLN C 269 28.44 -4.50 10.37
C GLN C 269 29.49 -4.73 11.44
N GLN C 270 29.70 -6.01 11.77
CA GLN C 270 30.61 -6.44 12.83
C GLN C 270 32.07 -6.54 12.39
N ASN C 271 32.97 -6.35 13.36
CA ASN C 271 34.40 -6.45 13.17
C ASN C 271 34.82 -7.92 12.98
N PRO C 272 35.79 -8.20 12.10
CA PRO C 272 36.55 -7.24 11.27
C PRO C 272 35.81 -6.88 9.98
N ILE C 273 36.07 -5.65 9.50
CA ILE C 273 35.54 -5.18 8.23
C ILE C 273 36.49 -5.72 7.17
N SER C 274 35.96 -6.44 6.18
CA SER C 274 36.81 -7.01 5.15
C SER C 274 36.90 -6.11 3.91
N ILE C 275 38.10 -6.06 3.36
CA ILE C 275 38.47 -5.35 2.14
C ILE C 275 39.07 -6.43 1.24
N THR C 276 38.56 -6.54 0.01
CA THR C 276 39.04 -7.52 -0.96
C THR C 276 39.87 -6.78 -2.00
N LEU C 277 41.17 -7.11 -2.05
CA LEU C 277 42.08 -6.53 -3.05
C LEU C 277 41.99 -7.34 -4.32
N SER C 278 42.48 -6.79 -5.45
CA SER C 278 42.61 -7.58 -6.68
C SER C 278 43.84 -8.49 -6.51
N GLU C 279 44.00 -9.53 -7.35
CA GLU C 279 45.16 -10.42 -7.30
C GLU C 279 46.49 -9.62 -7.45
N ASP C 280 46.54 -8.65 -8.40
CA ASP C 280 47.72 -7.80 -8.64
C ASP C 280 48.07 -6.96 -7.40
N GLN C 281 47.05 -6.37 -6.74
CA GLN C 281 47.25 -5.58 -5.52
C GLN C 281 47.79 -6.44 -4.39
N ALA C 282 47.23 -7.67 -4.22
CA ALA C 282 47.67 -8.61 -3.18
C ALA C 282 49.15 -9.00 -3.38
N LYS C 283 49.52 -9.26 -4.64
CA LYS C 283 50.88 -9.64 -5.08
C LYS C 283 51.89 -8.47 -4.89
N SER C 284 51.40 -7.20 -5.04
CA SER C 284 52.19 -5.97 -4.94
C SER C 284 52.52 -5.52 -3.50
N LEU C 285 51.82 -6.09 -2.49
CA LEU C 285 52.10 -5.81 -1.08
C LEU C 285 53.52 -6.27 -0.74
N LYS C 286 54.21 -5.52 0.13
CA LYS C 286 55.58 -5.88 0.53
C LYS C 286 55.61 -6.14 2.02
N ASN C 287 56.49 -7.03 2.47
CA ASN C 287 56.61 -7.36 3.89
C ASN C 287 57.02 -6.10 4.67
N LYS C 288 56.34 -5.87 5.81
CA LYS C 288 56.51 -4.77 6.77
C LYS C 288 56.12 -3.39 6.16
N GLU C 289 55.46 -3.37 4.96
CA GLU C 289 55.01 -2.15 4.32
C GLU C 289 53.92 -1.48 5.17
N LYS C 290 54.05 -0.17 5.39
CA LYS C 290 53.07 0.57 6.19
C LYS C 290 51.93 1.03 5.29
N LEU C 291 50.76 0.34 5.39
CA LEU C 291 49.55 0.73 4.66
C LEU C 291 48.84 1.84 5.45
N LYS C 292 48.17 2.75 4.73
CA LYS C 292 47.47 3.88 5.34
C LYS C 292 45.94 3.72 5.23
N VAL C 293 45.24 4.04 6.35
CA VAL C 293 43.78 3.98 6.46
C VAL C 293 43.24 5.39 6.84
N SER C 294 42.32 5.89 6.03
CA SER C 294 41.61 7.15 6.22
C SER C 294 40.13 6.85 6.24
N ILE C 295 39.41 7.36 7.26
CA ILE C 295 37.98 7.08 7.40
C ILE C 295 37.16 8.38 7.30
N LYS C 296 36.21 8.39 6.35
CA LYS C 296 35.34 9.52 6.13
C LYS C 296 33.92 9.11 6.49
N GLN C 297 33.29 9.89 7.35
CA GLN C 297 31.90 9.63 7.71
C GLN C 297 31.09 10.23 6.54
N LYS C 298 30.43 9.39 5.71
CA LYS C 298 29.71 9.83 4.48
C LYS C 298 28.64 10.90 4.73
N GLN C 299 27.87 10.75 5.82
CA GLN C 299 26.74 11.67 6.09
C GLN C 299 27.21 12.98 6.74
N SER C 300 28.07 12.93 7.76
CA SER C 300 28.51 14.16 8.43
C SER C 300 29.66 14.89 7.69
N LYS C 301 30.36 14.18 6.76
CA LYS C 301 31.49 14.64 5.95
C LYS C 301 32.75 14.88 6.83
N LYS C 302 32.74 14.43 8.09
CA LYS C 302 33.90 14.52 8.98
C LYS C 302 34.87 13.37 8.60
N THR C 303 36.19 13.67 8.58
CA THR C 303 37.24 12.71 8.21
C THR C 303 38.21 12.53 9.37
N SER C 304 38.60 11.27 9.63
CA SER C 304 39.51 10.89 10.68
C SER C 304 40.95 11.34 10.40
N LYS C 305 41.84 11.15 11.37
CA LYS C 305 43.28 11.34 11.17
C LYS C 305 43.80 10.13 10.37
N ASP C 306 45.02 10.17 9.84
CA ASP C 306 45.57 9.01 9.11
C ASP C 306 45.98 7.91 10.09
N PHE C 307 45.61 6.66 9.78
CA PHE C 307 45.96 5.49 10.58
C PHE C 307 46.92 4.62 9.76
N PHE C 308 47.80 3.89 10.45
CA PHE C 308 48.81 3.04 9.79
C PHE C 308 48.90 1.68 10.43
N PHE C 309 49.19 0.67 9.60
CA PHE C 309 49.42 -0.71 10.04
C PHE C 309 50.39 -1.38 9.05
N GLU C 310 51.08 -2.45 9.51
CA GLU C 310 52.10 -3.16 8.74
C GLU C 310 51.62 -4.45 8.10
N VAL C 311 52.06 -4.71 6.86
CA VAL C 311 51.83 -5.97 6.11
C VAL C 311 52.79 -7.02 6.65
N GLY C 312 52.34 -8.27 6.72
CA GLY C 312 53.21 -9.35 7.15
C GLY C 312 53.28 -10.46 6.12
N ILE C 313 54.08 -11.50 6.42
CA ILE C 313 54.13 -12.73 5.60
C ILE C 313 52.96 -13.57 6.08
N ASP C 314 52.21 -14.14 5.13
CA ASP C 314 51.04 -14.95 5.43
C ASP C 314 51.34 -16.21 6.29
N PRO C 315 50.77 -16.29 7.50
CA PRO C 315 50.84 -17.56 8.25
C PRO C 315 49.71 -18.46 7.70
N LYS C 316 50.02 -19.67 7.28
CA LYS C 316 48.98 -20.53 6.72
C LYS C 316 48.15 -21.11 7.87
N VAL C 317 47.25 -20.29 8.46
CA VAL C 317 46.48 -20.67 9.65
C VAL C 317 44.96 -20.78 9.38
N GLU C 318 44.49 -20.33 8.20
CA GLU C 318 43.06 -20.35 7.87
C GLU C 318 42.67 -21.59 7.03
N ALA C 319 43.16 -21.70 5.77
CA ALA C 319 42.84 -22.80 4.88
C ALA C 319 44.08 -23.52 4.39
N LYS C 320 43.98 -24.85 4.27
CA LYS C 320 45.06 -25.70 3.75
C LYS C 320 44.49 -26.81 2.84
N GLU D 20 -9.20 -17.96 23.22
CA GLU D 20 -10.45 -18.49 22.70
C GLU D 20 -11.48 -17.37 22.46
N LEU D 21 -11.80 -16.56 23.48
CA LEU D 21 -12.80 -15.49 23.33
C LEU D 21 -12.18 -14.12 23.00
N PRO D 22 -12.84 -13.30 22.13
CA PRO D 22 -12.30 -11.95 21.89
C PRO D 22 -12.58 -11.03 23.06
N ASP D 23 -11.68 -10.07 23.29
CA ASP D 23 -11.83 -9.10 24.38
C ASP D 23 -12.96 -8.12 24.11
N ASP D 24 -13.69 -7.78 25.17
CA ASP D 24 -14.73 -6.77 25.17
C ASP D 24 -14.02 -5.41 25.14
N LEU D 25 -14.26 -4.63 24.09
CA LEU D 25 -13.58 -3.34 23.92
C LEU D 25 -14.43 -2.16 24.39
N MET D 26 -15.51 -2.43 25.13
CA MET D 26 -16.36 -1.36 25.64
C MET D 26 -15.67 -0.72 26.83
N ASN D 27 -15.71 0.62 26.91
CA ASN D 27 -15.16 1.41 28.00
C ASN D 27 -16.30 2.07 28.76
N PHE D 28 -17.02 1.24 29.56
CA PHE D 28 -18.19 1.62 30.32
C PHE D 28 -18.00 1.26 31.80
N LYS D 29 -17.70 2.26 32.65
CA LYS D 29 -17.49 2.03 34.06
C LYS D 29 -18.73 2.46 34.90
N GLY D 30 -19.74 3.00 34.22
CA GLY D 30 -20.99 3.40 34.85
C GLY D 30 -20.90 4.64 35.72
N THR D 31 -20.42 5.76 35.13
CA THR D 31 -20.28 7.01 35.87
C THR D 31 -20.46 8.21 34.96
N TRP D 32 -21.03 9.28 35.52
CA TRP D 32 -21.23 10.58 34.87
C TRP D 32 -20.01 11.49 35.09
N GLU D 33 -19.13 11.16 36.08
CA GLU D 33 -17.91 11.94 36.36
C GLU D 33 -17.06 12.05 35.11
N VAL D 34 -17.13 13.22 34.46
CA VAL D 34 -16.54 13.60 33.17
C VAL D 34 -15.05 13.12 32.99
N SER D 35 -14.17 13.35 33.99
CA SER D 35 -12.75 12.97 33.89
C SER D 35 -12.45 11.51 34.27
N ALA D 36 -13.38 10.81 34.94
CA ALA D 36 -13.17 9.41 35.37
C ALA D 36 -13.02 8.47 34.19
N ASP D 37 -12.21 7.40 34.34
CA ASP D 37 -12.03 6.41 33.28
C ASP D 37 -13.35 5.70 33.00
N GLY D 38 -13.66 5.53 31.71
CA GLY D 38 -14.88 4.85 31.27
C GLY D 38 -16.17 5.58 31.57
N SER D 39 -16.09 6.93 31.73
CA SER D 39 -17.30 7.74 31.93
C SER D 39 -18.03 7.84 30.60
N SER D 40 -19.35 8.08 30.65
CA SER D 40 -20.18 8.15 29.46
C SER D 40 -20.66 9.57 29.22
N GLY D 41 -20.81 9.92 27.94
CA GLY D 41 -21.38 11.20 27.52
C GLY D 41 -22.90 11.22 27.68
N ARG D 42 -23.42 12.41 27.87
CA ARG D 42 -24.83 12.68 28.09
C ARG D 42 -25.14 13.96 27.35
N PHE D 43 -26.16 13.91 26.47
CA PHE D 43 -26.47 15.05 25.60
C PHE D 43 -27.97 15.24 25.43
N PHE D 44 -28.37 16.41 24.95
CA PHE D 44 -29.76 16.69 24.63
C PHE D 44 -29.84 17.55 23.34
N SER D 45 -30.98 17.42 22.64
CA SER D 45 -31.29 18.16 21.43
C SER D 45 -32.65 18.82 21.59
N LYS D 46 -32.65 20.15 21.78
CA LYS D 46 -33.89 20.93 21.86
C LYS D 46 -34.55 20.86 20.49
N GLY D 47 -35.82 20.43 20.44
CA GLY D 47 -36.53 20.28 19.18
C GLY D 47 -36.20 19.02 18.42
N ALA D 48 -35.37 18.12 19.01
CA ALA D 48 -34.92 16.84 18.44
C ALA D 48 -34.40 17.03 17.00
N THR D 49 -33.27 17.73 16.89
CA THR D 49 -32.61 18.03 15.61
C THR D 49 -31.40 17.13 15.46
N ASP D 50 -30.56 17.37 14.43
CA ASP D 50 -29.33 16.62 14.19
C ASP D 50 -28.28 16.96 15.23
N SER D 51 -28.35 18.16 15.83
CA SER D 51 -27.36 18.71 16.76
C SER D 51 -27.67 18.48 18.25
N TYR D 52 -26.65 18.03 18.99
CA TYR D 52 -26.69 17.71 20.42
C TYR D 52 -25.65 18.45 21.20
N VAL D 53 -26.02 18.98 22.36
CA VAL D 53 -25.11 19.67 23.29
C VAL D 53 -25.12 18.90 24.61
N PHE D 54 -24.10 19.12 25.46
CA PHE D 54 -23.91 18.41 26.72
C PHE D 54 -25.06 18.63 27.73
N HIS D 55 -25.54 17.53 28.38
CA HIS D 55 -26.64 17.52 29.37
C HIS D 55 -26.06 17.64 30.78
N LEU D 56 -25.97 18.89 31.29
CA LEU D 56 -25.46 19.21 32.63
C LEU D 56 -26.40 18.73 33.75
N ILE D 57 -25.82 18.31 34.89
CA ILE D 57 -26.53 17.86 36.08
C ILE D 57 -25.97 18.63 37.30
N PRO D 58 -26.66 18.75 38.46
CA PRO D 58 -26.08 19.52 39.60
C PRO D 58 -24.68 19.02 39.98
N ALA D 59 -23.68 19.96 40.01
CA ALA D 59 -22.27 19.69 40.33
C ALA D 59 -22.09 18.83 41.59
N LYS D 60 -22.87 19.10 42.65
CA LYS D 60 -22.81 18.42 43.94
C LYS D 60 -23.25 16.93 43.85
N ASP D 61 -24.04 16.57 42.80
CA ASP D 61 -24.61 15.22 42.66
C ASP D 61 -24.02 14.35 41.53
N VAL D 62 -23.01 14.82 40.79
CA VAL D 62 -22.43 14.11 39.63
C VAL D 62 -22.09 12.61 39.92
N LYS D 63 -21.59 12.29 41.13
CA LYS D 63 -21.21 10.91 41.49
C LYS D 63 -22.34 10.13 42.19
N LYS D 64 -23.46 10.81 42.53
CA LYS D 64 -24.58 10.20 43.21
C LYS D 64 -25.33 9.17 42.37
N PRO D 65 -25.57 7.95 42.93
CA PRO D 65 -26.41 6.95 42.25
C PRO D 65 -27.86 7.41 42.16
N GLY D 66 -28.61 6.88 41.18
CA GLY D 66 -30.02 7.22 40.99
C GLY D 66 -30.28 8.22 39.89
N TRP D 67 -31.53 8.75 39.84
CA TRP D 67 -31.96 9.69 38.80
C TRP D 67 -31.40 11.08 39.04
N ARG D 68 -30.70 11.64 38.01
CA ARG D 68 -30.06 12.94 38.06
C ARG D 68 -30.76 13.90 37.11
N GLU D 69 -31.29 15.00 37.64
CA GLU D 69 -32.04 15.98 36.86
C GLU D 69 -31.17 16.77 35.89
N HIS D 70 -31.79 17.23 34.79
CA HIS D 70 -31.15 18.16 33.86
C HIS D 70 -31.04 19.47 34.62
N ASN D 71 -29.80 19.88 34.94
CA ASN D 71 -29.51 21.05 35.79
C ASN D 71 -30.47 22.23 35.54
N GLU D 72 -31.21 22.64 36.62
CA GLU D 72 -32.17 23.75 36.69
C GLU D 72 -33.52 23.50 35.94
N VAL D 73 -33.49 23.02 34.69
CA VAL D 73 -34.69 22.83 33.85
C VAL D 73 -35.52 21.58 34.31
N LYS D 74 -34.86 20.45 34.69
CA LYS D 74 -35.51 19.22 35.20
C LYS D 74 -36.59 18.64 34.23
N ASP D 75 -36.34 18.77 32.92
CA ASP D 75 -37.25 18.21 31.92
C ASP D 75 -36.92 16.71 31.74
N SER D 76 -35.63 16.39 31.77
CA SER D 76 -35.15 15.00 31.69
C SER D 76 -34.29 14.67 32.89
N TYR D 77 -34.37 13.39 33.31
CA TYR D 77 -33.53 12.82 34.38
C TYR D 77 -32.74 11.69 33.74
N ILE D 78 -31.51 11.44 34.20
CA ILE D 78 -30.67 10.39 33.64
C ILE D 78 -30.14 9.49 34.77
N LYS D 79 -29.94 8.19 34.48
CA LYS D 79 -29.46 7.23 35.50
C LYS D 79 -28.42 6.27 34.88
N ILE D 80 -27.32 6.06 35.62
CA ILE D 80 -26.23 5.17 35.20
C ILE D 80 -25.84 4.26 36.37
N ASP D 81 -25.45 3.04 36.06
CA ASP D 81 -24.91 2.09 37.02
C ASP D 81 -23.94 1.20 36.26
N LYS D 82 -23.42 0.16 36.91
CA LYS D 82 -22.45 -0.79 36.40
C LYS D 82 -22.90 -1.49 35.10
N GLN D 83 -24.21 -1.75 34.93
CA GLN D 83 -24.62 -2.47 33.74
CA GLN D 83 -24.66 -2.50 33.77
C GLN D 83 -25.67 -1.76 32.88
N SER D 84 -26.17 -0.58 33.29
CA SER D 84 -27.20 0.11 32.51
C SER D 84 -27.07 1.63 32.45
N ILE D 85 -27.75 2.21 31.46
CA ILE D 85 -27.84 3.65 31.20
C ILE D 85 -29.30 3.94 30.83
N ALA D 86 -29.90 4.95 31.46
CA ALA D 86 -31.32 5.19 31.27
C ALA D 86 -31.70 6.67 31.24
N ALA D 87 -32.76 7.00 30.48
CA ALA D 87 -33.30 8.35 30.44
C ALA D 87 -34.76 8.36 30.93
N ARG D 88 -35.16 9.47 31.56
CA ARG D 88 -36.55 9.71 32.02
C ARG D 88 -37.03 11.06 31.48
N TYR D 89 -38.17 11.07 30.77
CA TYR D 89 -38.79 12.28 30.25
C TYR D 89 -39.96 12.65 31.18
N LYS D 90 -39.92 13.86 31.74
CA LYS D 90 -40.93 14.39 32.67
C LYS D 90 -42.02 15.11 31.92
N THR D 91 -43.20 15.34 32.56
CA THR D 91 -44.32 16.09 31.94
C THR D 91 -43.90 17.54 31.58
N SER D 92 -42.88 18.09 32.31
CA SER D 92 -42.33 19.43 32.08
C SER D 92 -41.52 19.52 30.75
N THR D 93 -41.13 18.36 30.12
CA THR D 93 -40.39 18.32 28.84
C THR D 93 -41.16 19.05 27.72
N THR D 94 -40.46 19.89 26.93
CA THR D 94 -41.03 20.59 25.78
C THR D 94 -40.75 19.72 24.58
N ALA D 95 -41.77 19.09 24.00
CA ALA D 95 -41.61 18.22 22.86
C ALA D 95 -41.58 19.01 21.53
N PRO D 96 -40.86 18.54 20.46
CA PRO D 96 -40.00 17.35 20.39
C PRO D 96 -38.71 17.55 21.18
N TYR D 97 -38.22 16.50 21.87
CA TYR D 97 -37.00 16.60 22.67
C TYR D 97 -36.29 15.25 22.69
N SER D 98 -34.97 15.26 22.60
CA SER D 98 -34.18 14.03 22.61
C SER D 98 -33.01 14.09 23.57
N VAL D 99 -32.79 12.99 24.29
CA VAL D 99 -31.63 12.76 25.15
C VAL D 99 -30.78 11.69 24.46
N ALA D 100 -29.44 11.88 24.41
CA ALA D 100 -28.55 10.89 23.81
C ALA D 100 -27.40 10.55 24.73
N PHE D 101 -27.00 9.28 24.76
CA PHE D 101 -25.85 8.86 25.52
C PHE D 101 -24.74 8.43 24.58
N LYS D 102 -23.48 8.66 24.99
CA LYS D 102 -22.29 8.19 24.28
C LYS D 102 -21.55 7.21 25.18
N VAL D 103 -21.53 5.92 24.81
CA VAL D 103 -20.82 4.88 25.55
C VAL D 103 -19.56 4.63 24.74
N ASN D 104 -18.41 5.01 25.29
CA ASN D 104 -17.11 4.92 24.61
C ASN D 104 -16.57 3.51 24.49
N THR D 105 -15.81 3.31 23.41
CA THR D 105 -15.05 2.08 23.18
C THR D 105 -13.59 2.38 23.54
N LYS D 106 -12.77 1.34 23.59
CA LYS D 106 -11.32 1.45 23.70
C LYS D 106 -10.83 1.77 22.30
N SER D 107 -9.53 2.03 22.13
CA SER D 107 -8.99 2.40 20.83
C SER D 107 -9.22 1.26 19.79
N LEU D 108 -9.93 1.60 18.70
CA LEU D 108 -10.25 0.63 17.64
C LEU D 108 -9.21 0.74 16.53
N ILE D 109 -9.13 -0.30 15.70
CA ILE D 109 -8.19 -0.34 14.60
C ILE D 109 -8.92 0.06 13.32
N LYS D 110 -8.28 0.88 12.49
CA LYS D 110 -8.84 1.34 11.21
C LYS D 110 -9.06 0.16 10.26
N ASP D 111 -10.24 0.13 9.60
CA ASP D 111 -10.62 -0.89 8.60
C ASP D 111 -10.86 -2.29 9.22
N HIS D 112 -11.15 -2.34 10.52
CA HIS D 112 -11.52 -3.58 11.20
C HIS D 112 -13.05 -3.67 11.32
N ASP D 113 -13.60 -4.88 11.45
CA ASP D 113 -15.04 -5.10 11.58
C ASP D 113 -15.37 -5.37 13.04
N TYR D 114 -16.44 -4.72 13.56
CA TYR D 114 -16.84 -4.85 14.95
C TYR D 114 -18.31 -5.24 15.10
N LYS D 115 -18.64 -5.83 16.24
CA LYS D 115 -19.97 -6.28 16.57
C LYS D 115 -20.34 -5.79 17.98
N ILE D 116 -21.30 -4.85 18.04
CA ILE D 116 -21.87 -4.33 19.27
C ILE D 116 -23.08 -5.17 19.64
N THR D 117 -23.16 -5.57 20.92
CA THR D 117 -24.32 -6.27 21.46
C THR D 117 -24.75 -5.54 22.72
N PHE D 118 -26.06 -5.46 22.92
CA PHE D 118 -26.66 -4.87 24.11
C PHE D 118 -28.10 -5.29 24.19
N GLU D 119 -28.70 -5.04 25.34
CA GLU D 119 -30.11 -5.34 25.52
C GLU D 119 -30.90 -4.06 25.54
N GLN D 120 -31.91 -3.98 24.68
CA GLN D 120 -32.86 -2.89 24.70
C GLN D 120 -33.84 -3.22 25.81
N GLY D 121 -33.75 -2.47 26.90
CA GLY D 121 -34.63 -2.62 28.06
C GLY D 121 -35.93 -1.88 27.81
N GLN D 122 -36.66 -1.58 28.89
CA GLN D 122 -37.96 -0.91 28.84
C GLN D 122 -37.95 0.35 27.97
N ILE D 123 -38.99 0.47 27.13
CA ILE D 123 -39.26 1.63 26.29
C ILE D 123 -40.68 2.06 26.67
N ALA D 124 -40.79 3.23 27.31
CA ALA D 124 -42.11 3.77 27.65
C ALA D 124 -42.90 4.08 26.36
N SER D 125 -44.25 3.96 26.44
CA SER D 125 -45.12 4.37 25.34
C SER D 125 -44.85 5.87 25.07
N GLY D 126 -44.65 6.25 23.83
CA GLY D 126 -44.33 7.64 23.50
C GLY D 126 -42.85 7.86 23.20
N ILE D 127 -41.97 6.97 23.70
CA ILE D 127 -40.52 7.10 23.42
C ILE D 127 -40.16 6.32 22.13
N THR D 128 -39.41 6.96 21.23
CA THR D 128 -38.87 6.31 20.05
C THR D 128 -37.35 6.33 20.20
N VAL D 129 -36.69 5.36 19.57
CA VAL D 129 -35.28 5.08 19.81
C VAL D 129 -34.46 4.93 18.49
N ASP D 130 -33.20 5.38 18.53
CA ASP D 130 -32.23 5.24 17.44
C ASP D 130 -30.90 4.79 18.01
N TYR D 131 -30.14 4.02 17.22
CA TYR D 131 -28.78 3.55 17.55
C TYR D 131 -27.83 3.97 16.46
N ARG D 132 -26.73 4.67 16.83
CA ARG D 132 -25.72 5.18 15.89
C ARG D 132 -24.29 4.96 16.39
N ILE D 133 -23.32 5.10 15.48
CA ILE D 133 -21.89 5.09 15.79
C ILE D 133 -21.46 6.54 15.77
N GLY D 134 -20.58 6.94 16.67
CA GLY D 134 -20.09 8.32 16.65
C GLY D 134 -18.67 8.44 17.15
N SER D 135 -18.20 9.70 17.26
CA SER D 135 -16.87 9.96 17.83
C SER D 135 -16.93 9.66 19.29
N ALA D 136 -15.78 9.42 19.94
CA ALA D 136 -15.78 9.17 21.39
C ALA D 136 -16.20 10.42 22.13
N PHE D 137 -16.85 10.26 23.28
CA PHE D 137 -17.13 11.37 24.19
C PHE D 137 -15.75 11.89 24.63
N ASN D 138 -15.47 13.19 24.42
CA ASN D 138 -14.13 13.74 24.66
C ASN D 138 -13.82 14.07 26.14
N LYS D 139 -14.69 13.67 27.08
CA LYS D 139 -14.49 13.81 28.53
C LYS D 139 -14.43 15.30 29.00
N THR D 140 -15.28 16.16 28.39
CA THR D 140 -15.42 17.57 28.77
C THR D 140 -16.93 17.90 28.86
N THR D 141 -17.30 18.95 29.60
CA THR D 141 -18.70 19.40 29.68
C THR D 141 -19.04 20.29 28.45
N ASP D 142 -18.06 20.48 27.55
CA ASP D 142 -18.17 21.26 26.32
C ASP D 142 -18.41 20.37 25.09
N ASP D 143 -18.40 19.02 25.28
CA ASP D 143 -18.60 18.11 24.16
C ASP D 143 -19.98 18.31 23.48
N SER D 144 -20.00 18.05 22.18
CA SER D 144 -21.17 18.16 21.32
C SER D 144 -21.00 17.21 20.13
N PHE D 145 -22.09 16.92 19.40
CA PHE D 145 -22.04 16.04 18.22
C PHE D 145 -23.26 16.23 17.36
N LYS D 146 -23.17 15.74 16.14
CA LYS D 146 -24.26 15.69 15.18
C LYS D 146 -24.52 14.23 14.86
N ILE D 147 -25.79 13.81 14.74
CA ILE D 147 -26.10 12.40 14.39
C ILE D 147 -25.39 12.03 13.08
N SER D 148 -25.48 12.95 12.09
CA SER D 148 -24.92 12.81 10.73
C SER D 148 -23.38 12.64 10.69
N ASP D 149 -22.68 12.85 11.83
CA ASP D 149 -21.22 12.64 11.94
C ASP D 149 -20.85 11.15 11.78
N GLU D 150 -21.86 10.24 11.93
CA GLU D 150 -21.67 8.79 11.84
C GLU D 150 -20.85 8.34 10.62
N SER D 151 -21.16 8.92 9.44
CA SER D 151 -20.52 8.61 8.15
C SER D 151 -19.00 8.92 8.13
N LYS D 152 -18.50 9.76 9.06
CA LYS D 152 -17.05 10.05 9.15
C LYS D 152 -16.29 8.92 9.88
N TYR D 153 -17.00 8.17 10.75
CA TYR D 153 -16.37 7.16 11.61
C TYR D 153 -16.61 5.72 11.19
N ALA D 154 -17.79 5.40 10.66
CA ALA D 154 -18.12 4.04 10.33
C ALA D 154 -18.81 3.88 9.00
N SER D 155 -18.62 2.71 8.38
CA SER D 155 -19.25 2.34 7.12
C SER D 155 -19.97 1.02 7.32
N ASN D 156 -20.97 0.73 6.46
CA ASN D 156 -21.75 -0.52 6.46
C ASN D 156 -22.38 -0.77 7.84
N VAL D 157 -22.92 0.27 8.50
CA VAL D 157 -23.55 0.17 9.82
C VAL D 157 -24.86 -0.58 9.66
N LYS D 158 -25.05 -1.66 10.44
CA LYS D 158 -26.27 -2.42 10.33
C LYS D 158 -26.76 -2.95 11.68
N ILE D 159 -28.02 -2.59 12.07
CA ILE D 159 -28.72 -3.17 13.21
C ILE D 159 -29.29 -4.47 12.65
N GLU D 160 -28.96 -5.63 13.24
CA GLU D 160 -29.45 -6.91 12.77
C GLU D 160 -31.01 -6.93 12.77
N GLY D 161 -31.59 -7.14 11.59
CA GLY D 161 -33.03 -7.18 11.35
C GLY D 161 -33.81 -5.89 11.52
N GLU D 162 -33.13 -4.72 11.62
CA GLU D 162 -33.76 -3.42 11.86
C GLU D 162 -33.15 -2.30 11.03
N GLU D 163 -33.88 -1.19 10.91
CA GLU D 163 -33.43 0.03 10.23
C GLU D 163 -33.02 1.08 11.27
N GLN D 164 -32.09 1.98 10.91
CA GLN D 164 -31.67 3.10 11.76
C GLN D 164 -32.70 4.23 11.63
N GLY D 165 -32.60 5.23 12.50
CA GLY D 165 -33.55 6.34 12.56
C GLY D 165 -34.46 6.13 13.76
N PHE D 166 -35.04 7.20 14.30
CA PHE D 166 -35.93 7.11 15.47
C PHE D 166 -37.17 6.32 15.10
N LYS D 167 -37.41 5.25 15.84
CA LYS D 167 -38.50 4.32 15.59
C LYS D 167 -39.01 3.71 16.83
N GLN D 168 -40.23 3.15 16.69
CA GLN D 168 -40.82 2.25 17.67
C GLN D 168 -40.01 0.97 17.49
N ARG D 169 -39.44 0.42 18.56
CA ARG D 169 -38.63 -0.79 18.47
C ARG D 169 -39.07 -1.83 19.47
N GLU D 170 -38.81 -3.11 19.16
CA GLU D 170 -39.06 -4.21 20.08
CA GLU D 170 -39.12 -4.14 20.13
C GLU D 170 -38.01 -4.15 21.17
N GLN D 171 -38.32 -4.64 22.37
CA GLN D 171 -37.33 -4.74 23.43
C GLN D 171 -36.62 -6.08 23.25
N GLY D 172 -35.41 -6.20 23.75
CA GLY D 172 -34.65 -7.43 23.65
C GLY D 172 -33.23 -7.22 23.21
N ASP D 173 -32.55 -8.34 22.86
CA ASP D 173 -31.17 -8.36 22.39
C ASP D 173 -31.04 -7.61 21.08
N LYS D 174 -30.05 -6.73 21.00
CA LYS D 174 -29.74 -5.97 19.78
C LYS D 174 -28.31 -6.27 19.33
N THR D 175 -28.09 -6.28 18.01
CA THR D 175 -26.76 -6.51 17.43
C THR D 175 -26.51 -5.41 16.41
N ILE D 176 -25.34 -4.73 16.52
CA ILE D 176 -24.97 -3.71 15.53
C ILE D 176 -23.56 -4.04 14.99
N SER D 177 -23.46 -4.23 13.66
CA SER D 177 -22.17 -4.49 13.01
C SER D 177 -21.77 -3.27 12.17
N PHE D 178 -20.44 -3.02 12.04
CA PHE D 178 -19.90 -1.87 11.28
C PHE D 178 -18.40 -2.05 11.00
N ARG D 179 -17.87 -1.25 10.05
CA ARG D 179 -16.44 -1.20 9.71
C ARG D 179 -15.92 0.21 10.02
N THR D 180 -14.79 0.32 10.73
CA THR D 180 -14.19 1.60 11.09
C THR D 180 -13.50 2.28 9.90
N LEU D 181 -13.60 3.62 9.86
CA LEU D 181 -12.97 4.44 8.82
C LEU D 181 -11.75 5.14 9.39
N LYS D 182 -11.59 5.05 10.70
CA LYS D 182 -10.50 5.66 11.47
C LYS D 182 -10.03 4.71 12.56
N GLU D 183 -8.87 5.06 13.15
CA GLU D 183 -8.29 4.39 14.29
C GLU D 183 -8.65 5.23 15.54
N GLY D 184 -8.63 4.60 16.70
CA GLY D 184 -8.89 5.27 17.95
C GLY D 184 -10.26 5.00 18.53
N PRO D 185 -10.54 5.52 19.76
CA PRO D 185 -11.84 5.27 20.38
C PRO D 185 -13.00 5.91 19.61
N MET D 186 -14.16 5.26 19.71
CA MET D 186 -15.41 5.71 19.12
C MET D 186 -16.48 5.57 20.19
N SER D 187 -17.75 5.76 19.85
CA SER D 187 -18.80 5.57 20.81
C SER D 187 -19.99 4.90 20.20
N LEU D 188 -20.72 4.17 21.04
CA LEU D 188 -22.05 3.69 20.73
C LEU D 188 -22.97 4.83 21.17
N VAL D 189 -23.80 5.33 20.24
CA VAL D 189 -24.72 6.43 20.52
C VAL D 189 -26.11 5.85 20.74
N LEU D 190 -26.64 6.02 21.97
CA LEU D 190 -27.96 5.52 22.36
C LEU D 190 -28.92 6.70 22.45
N LEU D 191 -29.75 6.87 21.41
CA LEU D 191 -30.64 8.00 21.28
C LEU D 191 -32.10 7.64 21.51
N SER D 192 -32.80 8.51 22.19
CA SER D 192 -34.23 8.37 22.41
C SER D 192 -34.86 9.73 22.31
N LYS D 193 -36.17 9.79 22.03
CA LYS D 193 -36.87 11.06 21.97
C LYS D 193 -38.35 10.90 22.25
N VAL D 194 -38.97 12.02 22.55
CA VAL D 194 -40.42 12.13 22.71
C VAL D 194 -40.88 13.16 21.67
N GLU D 195 -41.80 12.75 20.76
CA GLU D 195 -42.31 13.66 19.72
C GLU D 195 -43.50 14.47 20.29
N LYS D 196 -44.19 13.88 21.27
CA LYS D 196 -45.35 14.41 21.97
C LYS D 196 -44.99 14.69 23.46
N LYS D 197 -45.62 15.70 24.13
CA LYS D 197 -45.34 16.06 25.54
C LYS D 197 -45.72 14.88 26.43
N PRO D 198 -44.84 14.46 27.39
CA PRO D 198 -45.19 13.32 28.23
C PRO D 198 -46.35 13.61 29.17
N GLN D 199 -47.20 12.59 29.40
CA GLN D 199 -48.39 12.56 30.26
C GLN D 199 -48.02 12.08 31.67
N GLY D 200 -46.81 11.54 31.82
CA GLY D 200 -46.23 11.03 33.06
C GLY D 200 -44.74 10.79 32.85
N ASP D 201 -44.02 10.26 33.88
CA ASP D 201 -42.58 9.93 33.76
C ASP D 201 -42.40 8.85 32.70
N LEU D 202 -41.61 9.11 31.64
CA LEU D 202 -41.39 8.09 30.60
C LEU D 202 -39.95 7.63 30.63
N ASP D 203 -39.71 6.34 30.98
CA ASP D 203 -38.37 5.77 31.09
C ASP D 203 -37.96 4.86 29.93
N VAL D 204 -36.68 4.96 29.57
CA VAL D 204 -36.05 4.14 28.54
C VAL D 204 -34.70 3.68 29.11
N GLU D 205 -34.41 2.38 29.00
CA GLU D 205 -33.20 1.79 29.54
C GLU D 205 -32.46 0.95 28.50
N PHE D 206 -31.13 0.98 28.58
CA PHE D 206 -30.22 0.20 27.74
C PHE D 206 -29.26 -0.50 28.64
N LYS D 207 -28.97 -1.78 28.36
CA LYS D 207 -28.08 -2.48 29.28
C LYS D 207 -27.15 -3.52 28.62
N ASN D 208 -26.19 -4.02 29.42
CA ASN D 208 -25.23 -5.07 29.06
C ASN D 208 -24.57 -4.76 27.71
N LEU D 209 -23.88 -3.60 27.66
CA LEU D 209 -23.22 -3.06 26.49
C LEU D 209 -21.85 -3.67 26.29
N LYS D 210 -21.62 -4.22 25.08
CA LYS D 210 -20.41 -4.96 24.71
C LYS D 210 -20.07 -4.69 23.26
N ILE D 211 -18.76 -4.72 22.94
CA ILE D 211 -18.27 -4.60 21.57
C ILE D 211 -17.06 -5.52 21.41
N ILE D 212 -17.05 -6.29 20.31
CA ILE D 212 -15.95 -7.20 20.00
C ILE D 212 -15.51 -6.99 18.55
N ASP D 213 -14.22 -7.27 18.29
CA ASP D 213 -13.65 -7.27 16.95
C ASP D 213 -14.07 -8.58 16.29
N VAL D 214 -14.66 -8.51 15.07
CA VAL D 214 -15.10 -9.71 14.34
C VAL D 214 -14.37 -9.80 12.96
N THR D 215 -13.24 -9.09 12.81
CA THR D 215 -12.46 -9.06 11.59
C THR D 215 -11.97 -10.47 11.18
N ASN D 216 -12.22 -10.84 9.93
CA ASN D 216 -11.76 -12.10 9.37
C ASN D 216 -10.27 -11.99 9.05
N PRO D 217 -9.45 -13.04 9.37
CA PRO D 217 -8.02 -12.95 9.02
C PRO D 217 -7.81 -12.91 7.52
N SER D 218 -6.65 -12.38 7.09
CA SER D 218 -6.29 -12.34 5.67
C SER D 218 -5.99 -13.77 5.16
N GLN D 219 -5.81 -13.89 3.86
CA GLN D 219 -5.48 -15.14 3.18
C GLN D 219 -4.12 -15.00 2.53
N LEU D 220 -3.38 -16.11 2.39
CA LEU D 220 -2.08 -16.08 1.70
C LEU D 220 -2.33 -16.09 0.20
N ASP D 221 -1.91 -15.02 -0.49
CA ASP D 221 -2.05 -14.97 -1.96
C ASP D 221 -0.87 -15.76 -2.58
N LYS D 222 0.35 -15.45 -2.13
CA LYS D 222 1.58 -16.08 -2.62
C LYS D 222 2.67 -16.02 -1.56
N GLY D 223 3.55 -17.01 -1.57
CA GLY D 223 4.70 -17.08 -0.69
C GLY D 223 5.96 -17.32 -1.48
N VAL D 224 7.07 -16.67 -1.10
CA VAL D 224 8.35 -16.82 -1.79
C VAL D 224 9.42 -17.13 -0.75
N ALA D 225 10.12 -18.25 -0.95
CA ALA D 225 11.23 -18.69 -0.10
C ALA D 225 12.26 -19.44 -0.94
N TYR D 226 13.54 -19.30 -0.59
CA TYR D 226 14.66 -19.94 -1.26
C TYR D 226 15.58 -20.65 -0.28
N VAL D 227 16.00 -21.89 -0.64
CA VAL D 227 16.99 -22.65 0.15
C VAL D 227 18.21 -21.74 0.42
N GLY D 228 18.61 -21.65 1.68
CA GLY D 228 19.75 -20.83 2.11
C GLY D 228 19.51 -19.34 2.21
N ASN D 229 18.27 -18.85 1.92
CA ASN D 229 17.93 -17.44 2.00
C ASN D 229 17.05 -17.19 3.26
N LYS D 230 17.51 -16.31 4.15
CA LYS D 230 16.83 -15.97 5.41
C LYS D 230 15.55 -15.15 5.18
N ASN D 231 15.40 -14.51 3.99
CA ASN D 231 14.24 -13.67 3.69
C ASN D 231 13.09 -14.42 3.03
N VAL D 232 11.92 -14.43 3.70
CA VAL D 232 10.69 -15.06 3.23
C VAL D 232 9.69 -13.93 2.96
N GLN D 233 9.15 -13.86 1.75
CA GLN D 233 8.18 -12.81 1.43
CA GLN D 233 8.19 -12.81 1.40
C GLN D 233 6.78 -13.41 1.23
N LEU D 234 5.82 -12.91 2.02
CA LEU D 234 4.43 -13.38 1.96
C LEU D 234 3.49 -12.28 1.53
N THR D 235 2.65 -12.55 0.52
CA THR D 235 1.66 -11.57 0.08
CA THR D 235 1.67 -11.59 0.02
C THR D 235 0.28 -12.00 0.56
N LEU D 236 -0.40 -11.05 1.20
CA LEU D 236 -1.72 -11.24 1.80
C LEU D 236 -2.85 -10.70 0.91
N LYS D 237 -4.02 -11.36 0.97
CA LYS D 237 -5.23 -10.91 0.28
C LYS D 237 -6.44 -11.01 1.24
N SER D 238 -7.59 -10.47 0.82
CA SER D 238 -8.83 -10.47 1.58
C SER D 238 -10.04 -10.74 0.67
N ASP D 239 -11.03 -11.48 1.18
CA ASP D 239 -12.28 -11.81 0.49
C ASP D 239 -13.40 -10.79 0.78
N ASP D 240 -13.25 -9.95 1.84
CA ASP D 240 -14.30 -9.00 2.23
C ASP D 240 -13.93 -7.50 2.06
N GLY D 241 -12.93 -7.22 1.22
CA GLY D 241 -12.53 -5.83 0.93
C GLY D 241 -11.62 -5.14 1.93
N ARG D 242 -11.19 -5.86 2.99
CA ARG D 242 -10.27 -5.32 3.99
C ARG D 242 -8.89 -5.08 3.33
N THR D 243 -8.27 -3.92 3.62
CA THR D 243 -6.97 -3.54 3.09
C THR D 243 -5.94 -3.37 4.23
N ASN D 244 -6.39 -3.03 5.45
CA ASN D 244 -5.46 -2.90 6.58
C ASN D 244 -5.38 -4.23 7.30
N PHE D 245 -4.26 -4.96 7.09
CA PHE D 245 -4.05 -6.28 7.66
C PHE D 245 -3.42 -6.22 9.05
N GLU D 246 -3.37 -5.01 9.65
CA GLU D 246 -2.89 -4.77 11.00
C GLU D 246 -3.52 -5.76 12.00
N GLY D 247 -2.68 -6.38 12.82
CA GLY D 247 -3.11 -7.33 13.84
C GLY D 247 -3.12 -8.78 13.41
N ASP D 248 -2.96 -9.04 12.11
CA ASP D 248 -2.92 -10.43 11.67
C ASP D 248 -1.56 -11.03 12.06
N GLU D 249 -1.60 -12.18 12.77
CA GLU D 249 -0.47 -12.97 13.28
C GLU D 249 -0.17 -14.08 12.30
N ILE D 250 0.94 -13.98 11.57
CA ILE D 250 1.31 -14.96 10.56
C ILE D 250 2.31 -15.95 11.14
N SER D 251 1.96 -17.23 11.14
CA SER D 251 2.87 -18.28 11.61
C SER D 251 3.37 -19.09 10.41
N LEU D 252 4.68 -19.27 10.31
CA LEU D 252 5.34 -20.02 9.23
C LEU D 252 5.95 -21.29 9.77
N PHE D 253 5.56 -22.43 9.20
CA PHE D 253 6.01 -23.77 9.60
C PHE D 253 6.70 -24.49 8.45
N ASN D 254 7.64 -25.40 8.78
CA ASN D 254 8.29 -26.24 7.79
C ASN D 254 7.35 -27.47 7.53
N SER D 255 7.69 -28.33 6.55
CA SER D 255 6.85 -29.49 6.16
C SER D 255 6.70 -30.55 7.28
N ARG D 256 7.53 -30.46 8.34
CA ARG D 256 7.50 -31.38 9.47
C ARG D 256 6.72 -30.80 10.64
N GLY D 257 5.95 -29.73 10.35
CA GLY D 257 5.04 -29.06 11.29
C GLY D 257 5.71 -28.26 12.38
N GLU D 258 7.01 -27.98 12.21
CA GLU D 258 7.76 -27.21 13.20
C GLU D 258 7.62 -25.73 12.90
N LEU D 259 7.36 -24.91 13.94
CA LEU D 259 7.21 -23.47 13.80
C LEU D 259 8.56 -22.82 13.56
N LEU D 260 8.69 -22.14 12.42
CA LEU D 260 9.89 -21.40 12.08
C LEU D 260 9.85 -20.01 12.70
N GLN D 261 8.83 -19.19 12.34
CA GLN D 261 8.68 -17.81 12.84
C GLN D 261 7.22 -17.37 12.87
N THR D 262 6.91 -16.38 13.73
CA THR D 262 5.61 -15.72 13.83
C THR D 262 5.87 -14.21 13.75
N VAL D 263 5.11 -13.50 12.90
CA VAL D 263 5.18 -12.03 12.76
C VAL D 263 3.77 -11.46 12.87
N THR D 264 3.64 -10.21 13.40
CA THR D 264 2.35 -9.52 13.47
C THR D 264 2.42 -8.32 12.52
N VAL D 265 1.42 -8.22 11.62
CA VAL D 265 1.29 -7.15 10.64
C VAL D 265 1.01 -5.81 11.35
N THR D 266 1.70 -4.74 10.89
CA THR D 266 1.55 -3.39 11.45
C THR D 266 0.56 -2.57 10.60
N LYS D 267 0.24 -1.35 11.06
CA LYS D 267 -0.74 -0.46 10.44
C LYS D 267 -0.43 -0.17 8.97
N ASP D 268 -1.39 -0.54 8.09
CA ASP D 268 -1.36 -0.38 6.64
C ASP D 268 -0.06 -0.91 6.03
N GLN D 269 0.55 -1.95 6.66
CA GLN D 269 1.77 -2.57 6.16
C GLN D 269 1.50 -3.18 4.80
N GLN D 270 2.27 -2.74 3.80
CA GLN D 270 2.06 -3.16 2.43
C GLN D 270 2.77 -4.50 2.12
N ASN D 271 2.25 -5.18 1.11
CA ASN D 271 2.78 -6.43 0.60
C ASN D 271 4.10 -6.18 -0.13
N PRO D 272 5.06 -7.11 -0.02
CA PRO D 272 5.00 -8.36 0.74
C PRO D 272 5.37 -8.17 2.20
N ILE D 273 4.81 -9.03 3.05
CA ILE D 273 5.13 -9.06 4.47
C ILE D 273 6.41 -9.89 4.60
N SER D 274 7.44 -9.34 5.27
CA SER D 274 8.74 -9.96 5.47
CA SER D 274 8.72 -10.01 5.42
C SER D 274 8.80 -10.81 6.72
N ILE D 275 9.43 -11.97 6.61
CA ILE D 275 9.72 -12.92 7.68
C ILE D 275 11.20 -13.19 7.54
N THR D 276 11.96 -12.99 8.64
CA THR D 276 13.40 -13.26 8.65
C THR D 276 13.66 -14.57 9.41
N LEU D 277 14.22 -15.57 8.72
CA LEU D 277 14.59 -16.83 9.37
C LEU D 277 15.98 -16.71 9.98
N SER D 278 16.35 -17.65 10.86
CA SER D 278 17.74 -17.72 11.35
C SER D 278 18.58 -18.39 10.25
N GLU D 279 19.91 -18.30 10.31
CA GLU D 279 20.79 -18.93 9.33
C GLU D 279 20.56 -20.46 9.25
N ASP D 280 20.38 -21.12 10.41
CA ASP D 280 20.10 -22.56 10.47
C ASP D 280 18.79 -22.94 9.79
N GLN D 281 17.74 -22.13 10.00
CA GLN D 281 16.44 -22.34 9.40
C GLN D 281 16.52 -22.20 7.89
N ALA D 282 17.25 -21.16 7.41
CA ALA D 282 17.42 -20.91 5.97
C ALA D 282 18.13 -22.09 5.28
N LYS D 283 19.19 -22.59 5.92
CA LYS D 283 20.03 -23.73 5.48
C LYS D 283 19.20 -25.05 5.48
N SER D 284 18.22 -25.20 6.42
CA SER D 284 17.37 -26.40 6.60
C SER D 284 16.24 -26.51 5.56
N LEU D 285 15.89 -25.42 4.87
CA LEU D 285 14.87 -25.45 3.80
C LEU D 285 15.31 -26.40 2.70
N LYS D 286 14.33 -27.09 2.08
CA LYS D 286 14.61 -28.05 1.02
C LYS D 286 13.93 -27.60 -0.25
N ASN D 287 14.49 -27.93 -1.42
CA ASN D 287 13.89 -27.54 -2.69
C ASN D 287 12.54 -28.25 -2.83
N LYS D 288 11.50 -27.46 -3.23
CA LYS D 288 10.10 -27.87 -3.46
C LYS D 288 9.39 -28.25 -2.11
N GLU D 289 9.98 -27.86 -0.95
CA GLU D 289 9.39 -28.12 0.37
C GLU D 289 8.08 -27.35 0.55
N LYS D 290 7.04 -28.03 1.02
CA LYS D 290 5.79 -27.33 1.24
C LYS D 290 5.78 -26.71 2.66
N LEU D 291 6.04 -25.39 2.75
CA LEU D 291 5.96 -24.69 4.04
C LEU D 291 4.49 -24.39 4.30
N LYS D 292 4.08 -24.33 5.58
CA LYS D 292 2.70 -24.05 5.98
C LYS D 292 2.56 -22.65 6.61
N VAL D 293 1.47 -21.95 6.22
CA VAL D 293 1.13 -20.60 6.71
C VAL D 293 -0.25 -20.64 7.37
N SER D 294 -0.31 -20.20 8.64
CA SER D 294 -1.54 -20.08 9.41
CA SER D 294 -1.54 -20.09 9.39
C SER D 294 -1.67 -18.64 9.87
N ILE D 295 -2.83 -18.01 9.62
CA ILE D 295 -3.04 -16.61 9.99
C ILE D 295 -4.13 -16.45 11.04
N LYS D 296 -3.76 -15.84 12.17
CA LYS D 296 -4.66 -15.58 13.27
C LYS D 296 -4.91 -14.07 13.41
N GLN D 297 -6.17 -13.66 13.40
CA GLN D 297 -6.52 -12.26 13.63
C GLN D 297 -6.41 -12.07 15.13
N LYS D 298 -5.37 -11.33 15.61
CA LYS D 298 -5.08 -11.15 17.03
CA LYS D 298 -5.06 -11.12 17.03
C LYS D 298 -6.27 -10.59 17.82
N GLN D 299 -7.01 -9.64 17.26
CA GLN D 299 -8.14 -9.02 17.97
C GLN D 299 -9.41 -9.87 17.92
N SER D 300 -9.81 -10.37 16.73
CA SER D 300 -11.05 -11.16 16.63
C SER D 300 -10.87 -12.63 17.06
N LYS D 301 -9.60 -13.12 17.15
CA LYS D 301 -9.22 -14.51 17.50
C LYS D 301 -9.68 -15.52 16.44
N LYS D 302 -10.14 -15.06 15.26
CA LYS D 302 -10.50 -15.92 14.15
C LYS D 302 -9.19 -16.38 13.47
N THR D 303 -9.10 -17.67 13.12
CA THR D 303 -7.90 -18.24 12.47
C THR D 303 -8.28 -18.75 11.08
N SER D 304 -7.41 -18.51 10.11
CA SER D 304 -7.58 -18.93 8.72
C SER D 304 -7.43 -20.45 8.58
N LYS D 305 -7.70 -20.99 7.40
CA LYS D 305 -7.38 -22.40 7.13
C LYS D 305 -5.86 -22.47 6.87
N ASP D 306 -5.26 -23.68 6.85
CA ASP D 306 -3.83 -23.81 6.59
C ASP D 306 -3.54 -23.50 5.15
N PHE D 307 -2.54 -22.60 4.89
CA PHE D 307 -2.10 -22.31 3.51
C PHE D 307 -0.75 -22.98 3.26
N PHE D 308 -0.44 -23.29 2.01
CA PHE D 308 0.83 -23.94 1.65
C PHE D 308 1.46 -23.29 0.43
N PHE D 309 2.80 -23.26 0.37
CA PHE D 309 3.58 -22.76 -0.77
C PHE D 309 4.91 -23.54 -0.79
N GLU D 310 5.52 -23.59 -1.98
CA GLU D 310 6.76 -24.33 -2.21
C GLU D 310 8.01 -23.46 -2.20
N VAL D 311 9.05 -23.95 -1.51
CA VAL D 311 10.38 -23.32 -1.46
C VAL D 311 11.04 -23.51 -2.82
N GLY D 312 11.78 -22.48 -3.28
CA GLY D 312 12.50 -22.56 -4.54
C GLY D 312 13.99 -22.63 -4.32
N ILE D 313 14.75 -22.54 -5.42
CA ILE D 313 16.22 -22.51 -5.41
C ILE D 313 16.70 -21.38 -6.34
N ASP D 314 17.91 -20.82 -6.07
CA ASP D 314 18.44 -19.76 -6.93
C ASP D 314 18.53 -20.27 -8.35
N PRO D 315 18.05 -19.48 -9.37
CA PRO D 315 18.16 -19.94 -10.76
C PRO D 315 19.58 -20.38 -11.13
N LYS D 316 19.63 -21.41 -11.98
CA LYS D 316 20.90 -21.97 -12.45
C LYS D 316 21.64 -20.90 -13.28
N VAL D 317 22.97 -20.94 -13.20
CA VAL D 317 23.85 -20.11 -14.01
C VAL D 317 24.20 -20.97 -15.24
N GLU D 318 23.97 -20.44 -16.46
CA GLU D 318 24.25 -21.13 -17.72
C GLU D 318 25.49 -20.56 -18.38
#